data_6YI4
#
_entry.id   6YI4
#
_cell.length_a   47.675
_cell.length_b   90.467
_cell.length_c   88.522
_cell.angle_alpha   90.000
_cell.angle_beta   100.853
_cell.angle_gamma   90.000
#
_symmetry.space_group_name_H-M   'P 1 21 1'
#
loop_
_entity.id
_entity.type
_entity.pdbx_description
1 polymer Beta-lactamase
2 non-polymer 1,2-ETHANEDIOL
3 non-polymer 'CITRATE ANION'
4 non-polymer 'ZINC ION'
5 non-polymer 'ACETATE ION'
6 non-polymer BETA-MERCAPTOETHANOL
7 water water
#
_entity_poly.entity_id   1
_entity_poly.type   'polypeptide(L)'
_entity_poly.pdbx_seq_one_letter_code
;ALPDLKIEKLEEGVFVHTSFEEVNGWGVVTKHGLVVLVNTDAYLIDTPFTATDTEKLVNWFVERGYEIKGTISSHFHSDS
TGGIEWLNSQSIPTYASELTNELLKKSGKVQAKYSFSEVSYWLVKNKIEVFYPGPGHTQDNLVVWLPESKILFGGCFIKP
HGLGNLGDANLEAWPKSAKILMSKYGKAKLVVSSHSEKGDASLMKRTWEQALKGLKESKKTSSPSN
;
_entity_poly.pdbx_strand_id   AAA,BBB,CCC
#
loop_
_chem_comp.id
_chem_comp.type
_chem_comp.name
_chem_comp.formula
ACT non-polymer 'ACETATE ION' 'C2 H3 O2 -1'
BME non-polymer BETA-MERCAPTOETHANOL 'C2 H6 O S'
EDO non-polymer 1,2-ETHANEDIOL 'C2 H6 O2'
FLC non-polymer 'CITRATE ANION' 'C6 H5 O7 -3'
ZN non-polymer 'ZINC ION' 'Zn 2'
#
# COMPACT_ATOMS: atom_id res chain seq x y z
N LEU A 2 -17.30 -21.47 -0.57
CA LEU A 2 -17.15 -20.05 -0.06
C LEU A 2 -18.21 -19.17 -0.70
N PRO A 3 -18.54 -17.99 -0.10
CA PRO A 3 -19.50 -17.08 -0.70
C PRO A 3 -19.06 -16.64 -2.11
N ASP A 4 -20.08 -16.38 -2.92
CA ASP A 4 -20.02 -15.63 -4.20
C ASP A 4 -19.37 -14.27 -3.97
N LEU A 5 -18.77 -13.78 -5.03
CA LEU A 5 -18.26 -12.40 -5.12
C LEU A 5 -19.36 -11.44 -4.62
N LYS A 6 -18.97 -10.42 -3.88
CA LYS A 6 -19.82 -9.30 -3.37
C LYS A 6 -19.48 -8.04 -4.18
N ILE A 7 -20.47 -7.19 -4.42
CA ILE A 7 -20.33 -5.88 -5.10
C ILE A 7 -21.03 -4.84 -4.24
N GLU A 8 -20.33 -3.77 -3.90
CA GLU A 8 -20.85 -2.67 -3.04
C GLU A 8 -20.49 -1.34 -3.68
N LYS A 9 -21.44 -0.41 -3.78
CA LYS A 9 -21.17 0.95 -4.31
C LYS A 9 -20.41 1.75 -3.25
N LEU A 10 -19.32 2.42 -3.63
CA LEU A 10 -18.52 3.31 -2.73
C LEU A 10 -19.05 4.73 -2.90
N GLU A 11 -19.21 5.14 -4.15
CA GLU A 11 -19.78 6.46 -4.51
C GLU A 11 -20.12 6.42 -5.99
N GLU A 12 -20.63 7.51 -6.56
CA GLU A 12 -21.08 7.55 -7.96
C GLU A 12 -19.95 7.03 -8.83
N GLY A 13 -20.23 5.95 -9.60
CA GLY A 13 -19.35 5.40 -10.63
C GLY A 13 -18.18 4.59 -10.07
N VAL A 14 -18.18 4.30 -8.76
CA VAL A 14 -17.07 3.51 -8.15
C VAL A 14 -17.69 2.46 -7.22
N PHE A 15 -17.33 1.19 -7.46
CA PHE A 15 -17.81 0.02 -6.72
C PHE A 15 -16.60 -0.75 -6.20
N VAL A 16 -16.80 -1.42 -5.08
CA VAL A 16 -15.80 -2.38 -4.56
C VAL A 16 -16.31 -3.77 -4.86
N HIS A 17 -15.45 -4.61 -5.45
CA HIS A 17 -15.76 -6.05 -5.59
C HIS A 17 -14.92 -6.80 -4.58
N THR A 18 -15.52 -7.77 -3.90
CA THR A 18 -14.82 -8.55 -2.86
C THR A 18 -14.99 -10.03 -3.16
N SER A 19 -13.87 -10.76 -3.23
CA SER A 19 -13.93 -12.21 -3.55
C SER A 19 -13.12 -12.95 -2.48
N PHE A 20 -13.42 -14.23 -2.34
CA PHE A 20 -12.89 -15.07 -1.25
C PHE A 20 -12.31 -16.36 -1.82
N GLU A 21 -11.09 -16.69 -1.43
CA GLU A 21 -10.45 -17.89 -1.99
C GLU A 21 -9.52 -18.44 -0.94
N GLU A 22 -9.49 -19.78 -0.82
CA GLU A 22 -8.50 -20.45 0.04
C GLU A 22 -7.16 -20.47 -0.71
N VAL A 23 -6.13 -19.88 -0.12
CA VAL A 23 -4.76 -19.79 -0.68
C VAL A 23 -3.82 -20.52 0.29
N ASN A 24 -3.09 -21.52 -0.20
CA ASN A 24 -2.15 -22.34 0.61
C ASN A 24 -1.26 -21.43 1.46
N GLY A 25 -1.36 -21.58 2.78
CA GLY A 25 -0.56 -20.88 3.79
C GLY A 25 -1.20 -19.60 4.26
N TRP A 26 -2.31 -19.16 3.67
CA TRP A 26 -3.00 -17.94 4.16
C TRP A 26 -4.45 -18.23 4.57
N GLY A 27 -4.94 -19.47 4.49
CA GLY A 27 -6.39 -19.75 4.66
C GLY A 27 -7.28 -19.01 3.66
N VAL A 28 -8.48 -18.62 4.08
CA VAL A 28 -9.39 -17.87 3.15
C VAL A 28 -8.93 -16.42 3.11
N VAL A 29 -8.56 -15.96 1.91
CA VAL A 29 -8.15 -14.55 1.67
C VAL A 29 -9.36 -13.77 1.17
N THR A 30 -9.59 -12.64 1.83
CA THR A 30 -10.60 -11.64 1.41
C THR A 30 -9.86 -10.65 0.51
N LYS A 31 -10.32 -10.49 -0.72
CA LYS A 31 -9.64 -9.63 -1.73
C LYS A 31 -10.60 -8.58 -2.26
N HIS A 32 -10.21 -7.31 -2.15
CA HIS A 32 -10.98 -6.19 -2.74
C HIS A 32 -10.36 -5.73 -4.05
N GLY A 33 -11.21 -5.41 -5.02
CA GLY A 33 -10.85 -4.61 -6.21
C GLY A 33 -11.93 -3.58 -6.46
N LEU A 34 -11.82 -2.86 -7.57
CA LEU A 34 -12.84 -1.84 -7.92
C LEU A 34 -13.46 -2.16 -9.28
N VAL A 35 -14.59 -1.54 -9.51
CA VAL A 35 -15.17 -1.31 -10.85
C VAL A 35 -15.43 0.18 -10.95
N VAL A 36 -14.94 0.77 -12.01
CA VAL A 36 -15.06 2.22 -12.29
C VAL A 36 -15.89 2.39 -13.56
N LEU A 37 -16.92 3.24 -13.45
CA LEU A 37 -17.82 3.52 -14.59
C LEU A 37 -17.40 4.84 -15.22
N VAL A 38 -17.37 4.86 -16.54
CA VAL A 38 -17.21 6.11 -17.34
C VAL A 38 -18.39 6.09 -18.33
N ASN A 39 -19.42 6.87 -18.08
CA ASN A 39 -20.70 6.80 -18.87
C ASN A 39 -21.22 5.36 -18.77
N THR A 40 -21.38 4.62 -19.88
CA THR A 40 -21.92 3.24 -19.83
C THR A 40 -20.77 2.22 -19.99
N ASP A 41 -19.52 2.68 -19.86
CA ASP A 41 -18.30 1.82 -19.91
C ASP A 41 -17.91 1.48 -18.47
N ALA A 42 -17.51 0.23 -18.24
CA ALA A 42 -17.03 -0.25 -16.94
C ALA A 42 -15.59 -0.74 -17.13
N TYR A 43 -14.75 -0.46 -16.12
CA TYR A 43 -13.35 -0.92 -16.06
C TYR A 43 -13.17 -1.69 -14.76
N LEU A 44 -12.56 -2.87 -14.87
CA LEU A 44 -12.29 -3.73 -13.68
C LEU A 44 -10.88 -3.37 -13.22
N ILE A 45 -10.78 -3.00 -11.97
CA ILE A 45 -9.47 -2.73 -11.29
C ILE A 45 -9.20 -3.98 -10.45
N ASP A 46 -8.30 -4.83 -10.97
CA ASP A 46 -8.05 -6.21 -10.50
C ASP A 46 -9.20 -7.13 -10.91
N THR A 47 -8.84 -8.35 -11.27
CA THR A 47 -9.82 -9.44 -11.39
C THR A 47 -9.95 -10.12 -10.04
N PRO A 48 -11.12 -10.72 -9.76
CA PRO A 48 -11.23 -11.71 -8.71
C PRO A 48 -10.26 -12.86 -8.94
N PHE A 49 -10.13 -13.72 -7.94
CA PHE A 49 -9.20 -14.87 -7.99
C PHE A 49 -9.53 -15.81 -9.15
N THR A 50 -10.83 -16.00 -9.43
CA THR A 50 -11.30 -17.13 -10.30
C THR A 50 -12.02 -16.61 -11.51
N ALA A 51 -12.06 -17.42 -12.58
CA ALA A 51 -12.94 -17.19 -13.74
C ALA A 51 -14.39 -17.12 -13.29
N THR A 52 -14.81 -18.00 -12.38
CA THR A 52 -16.20 -18.02 -11.88
C THR A 52 -16.61 -16.65 -11.31
N ASP A 53 -15.82 -16.12 -10.39
CA ASP A 53 -16.10 -14.80 -9.77
C ASP A 53 -15.94 -13.67 -10.80
N THR A 54 -15.00 -13.78 -11.73
CA THR A 54 -14.81 -12.77 -12.80
C THR A 54 -16.10 -12.73 -13.64
N GLU A 55 -16.63 -13.90 -13.96
CA GLU A 55 -17.88 -13.97 -14.77
C GLU A 55 -19.05 -13.37 -14.00
N LYS A 56 -19.19 -13.66 -12.70
CA LYS A 56 -20.28 -13.08 -11.89
C LYS A 56 -20.17 -11.55 -11.89
N LEU A 57 -18.94 -11.05 -11.73
CA LEU A 57 -18.68 -9.59 -11.68
C LEU A 57 -19.07 -8.93 -13.02
N VAL A 58 -18.55 -9.47 -14.12
CA VAL A 58 -18.85 -8.97 -15.48
C VAL A 58 -20.37 -9.03 -15.72
N ASN A 59 -20.99 -10.15 -15.37
CA ASN A 59 -22.45 -10.35 -15.64
C ASN A 59 -23.26 -9.28 -14.89
N TRP A 60 -22.87 -8.94 -13.66
CA TRP A 60 -23.64 -7.98 -12.84
C TRP A 60 -23.68 -6.63 -13.56
N PHE A 61 -22.54 -6.18 -14.10
CA PHE A 61 -22.45 -4.89 -14.79
C PHE A 61 -23.10 -4.97 -16.17
N VAL A 62 -22.87 -6.06 -16.91
CA VAL A 62 -23.48 -6.19 -18.28
C VAL A 62 -25.01 -6.18 -18.13
N GLU A 63 -25.53 -6.89 -17.15
CA GLU A 63 -26.99 -6.98 -16.88
C GLU A 63 -27.56 -5.60 -16.55
N ARG A 64 -26.78 -4.69 -15.98
CA ARG A 64 -27.21 -3.31 -15.68
C ARG A 64 -26.82 -2.33 -16.80
N GLY A 65 -26.49 -2.86 -17.99
CA GLY A 65 -26.36 -2.02 -19.20
C GLY A 65 -24.99 -1.42 -19.40
N TYR A 66 -23.95 -1.95 -18.74
CA TYR A 66 -22.56 -1.47 -18.93
C TYR A 66 -21.84 -2.43 -19.87
N GLU A 67 -20.93 -1.87 -20.67
CA GLU A 67 -19.96 -2.64 -21.46
C GLU A 67 -18.66 -2.66 -20.67
N ILE A 68 -18.04 -3.83 -20.53
CA ILE A 68 -16.70 -3.94 -19.88
C ILE A 68 -15.66 -3.54 -20.93
N LYS A 69 -15.11 -2.34 -20.85
CA LYS A 69 -14.18 -1.80 -21.87
C LYS A 69 -12.72 -2.14 -21.57
N GLY A 70 -12.39 -2.50 -20.32
CA GLY A 70 -11.01 -2.91 -20.04
C GLY A 70 -10.82 -3.34 -18.61
N THR A 71 -9.76 -4.10 -18.40
CA THR A 71 -9.32 -4.48 -17.04
C THR A 71 -7.86 -4.14 -16.87
N ILE A 72 -7.48 -3.75 -15.66
CA ILE A 72 -6.07 -3.56 -15.27
C ILE A 72 -5.81 -4.45 -14.06
N SER A 73 -4.73 -5.22 -14.08
CA SER A 73 -4.25 -6.03 -12.94
C SER A 73 -3.11 -5.24 -12.24
N SER A 74 -3.22 -5.10 -10.93
CA SER A 74 -2.29 -4.28 -10.11
C SER A 74 -1.00 -5.04 -9.88
N HIS A 75 -0.99 -6.37 -9.95
CA HIS A 75 0.26 -7.17 -9.86
C HIS A 75 0.02 -8.58 -10.36
N PHE A 76 1.09 -9.39 -10.45
CA PHE A 76 1.04 -10.67 -11.19
C PHE A 76 0.33 -11.77 -10.40
N HIS A 77 0.21 -11.65 -9.09
CA HIS A 77 -0.40 -12.72 -8.23
C HIS A 77 -1.85 -12.96 -8.65
N SER A 78 -2.35 -14.17 -8.37
CA SER A 78 -3.63 -14.63 -8.95
C SER A 78 -4.79 -13.87 -8.30
N ASP A 79 -4.62 -13.18 -7.17
CA ASP A 79 -5.73 -12.36 -6.62
C ASP A 79 -5.94 -11.07 -7.43
N SER A 80 -5.08 -10.75 -8.39
CA SER A 80 -5.30 -9.59 -9.28
C SER A 80 -5.49 -10.02 -10.73
N THR A 81 -5.04 -11.25 -11.10
CA THR A 81 -4.88 -11.72 -12.50
C THR A 81 -5.70 -12.98 -12.79
N GLY A 82 -6.33 -13.60 -11.80
CA GLY A 82 -6.93 -14.93 -11.93
C GLY A 82 -7.92 -14.99 -13.08
N GLY A 83 -8.67 -13.90 -13.30
CA GLY A 83 -9.69 -13.84 -14.36
C GLY A 83 -9.18 -13.45 -15.75
N ILE A 84 -7.88 -13.19 -15.97
CA ILE A 84 -7.40 -12.64 -17.28
C ILE A 84 -7.77 -13.65 -18.40
N GLU A 85 -7.46 -14.92 -18.20
CA GLU A 85 -7.72 -15.95 -19.25
C GLU A 85 -9.19 -15.90 -19.69
N TRP A 86 -10.12 -15.88 -18.74
CA TRP A 86 -11.58 -15.82 -19.04
C TRP A 86 -11.93 -14.52 -19.74
N LEU A 87 -11.39 -13.39 -19.26
CA LEU A 87 -11.68 -12.09 -19.91
C LEU A 87 -11.17 -12.10 -21.36
N ASN A 88 -9.98 -12.66 -21.61
CA ASN A 88 -9.40 -12.74 -22.99
C ASN A 88 -10.40 -13.53 -23.87
N SER A 89 -10.89 -14.66 -23.36
CA SER A 89 -11.85 -15.55 -24.08
C SER A 89 -13.16 -14.84 -24.38
N GLN A 90 -13.53 -13.81 -23.60
CA GLN A 90 -14.76 -12.99 -23.75
C GLN A 90 -14.49 -11.69 -24.52
N SER A 91 -13.32 -11.52 -25.11
CA SER A 91 -13.00 -10.34 -25.94
C SER A 91 -13.02 -9.05 -25.12
N ILE A 92 -12.77 -9.14 -23.81
CA ILE A 92 -12.69 -7.94 -22.92
C ILE A 92 -11.21 -7.58 -22.81
N PRO A 93 -10.79 -6.39 -23.28
CA PRO A 93 -9.36 -6.02 -23.27
C PRO A 93 -8.77 -6.10 -21.86
N THR A 94 -7.71 -6.89 -21.73
CA THR A 94 -6.94 -7.01 -20.47
C THR A 94 -5.63 -6.22 -20.60
N TYR A 95 -5.31 -5.47 -19.55
CA TYR A 95 -4.05 -4.68 -19.48
C TYR A 95 -3.23 -5.07 -18.26
N ALA A 96 -1.92 -5.08 -18.46
CA ALA A 96 -0.90 -5.30 -17.42
C ALA A 96 0.37 -4.58 -17.85
N SER A 97 1.18 -4.17 -16.88
CA SER A 97 2.51 -3.65 -17.27
C SER A 97 3.31 -4.77 -17.93
N GLU A 98 4.34 -4.39 -18.67
CA GLU A 98 5.33 -5.34 -19.22
C GLU A 98 5.94 -6.21 -18.13
N LEU A 99 6.32 -5.62 -17.01
CA LEU A 99 6.92 -6.34 -15.89
C LEU A 99 5.93 -7.40 -15.38
N THR A 100 4.66 -7.03 -15.22
CA THR A 100 3.62 -7.97 -14.72
C THR A 100 3.50 -9.12 -15.73
N ASN A 101 3.46 -8.79 -17.01
CA ASN A 101 3.24 -9.82 -18.07
C ASN A 101 4.45 -10.76 -18.10
N GLU A 102 5.66 -10.23 -17.89
CA GLU A 102 6.91 -11.07 -17.85
C GLU A 102 6.82 -12.04 -16.69
N LEU A 103 6.34 -11.55 -15.52
CA LEU A 103 6.21 -12.36 -14.31
C LEU A 103 5.12 -13.41 -14.50
N LEU A 104 4.02 -13.06 -15.17
CA LEU A 104 2.99 -14.04 -15.49
C LEU A 104 3.61 -15.13 -16.40
N LYS A 105 4.30 -14.72 -17.45
CA LYS A 105 4.90 -15.68 -18.43
C LYS A 105 5.88 -16.61 -17.69
N LYS A 106 6.71 -16.07 -16.81
CA LYS A 106 7.73 -16.84 -16.06
C LYS A 106 7.06 -17.85 -15.13
N SER A 107 5.85 -17.57 -14.64
CA SER A 107 5.12 -18.47 -13.70
C SER A 107 4.16 -19.41 -14.46
N GLY A 108 4.22 -19.44 -15.79
CA GLY A 108 3.36 -20.30 -16.62
C GLY A 108 1.91 -19.84 -16.64
N LYS A 109 1.66 -18.54 -16.46
CA LYS A 109 0.27 -18.00 -16.38
C LYS A 109 -0.06 -17.23 -17.66
N VAL A 110 -1.36 -17.10 -17.92
CA VAL A 110 -1.89 -16.37 -19.09
C VAL A 110 -1.61 -14.88 -18.92
N GLN A 111 -1.16 -14.24 -20.00
CA GLN A 111 -0.78 -12.83 -20.00
C GLN A 111 -1.99 -11.96 -20.34
N ALA A 112 -1.96 -10.69 -19.88
CA ALA A 112 -2.86 -9.64 -20.37
C ALA A 112 -2.51 -9.41 -21.84
N LYS A 113 -3.51 -9.05 -22.65
CA LYS A 113 -3.31 -8.86 -24.10
C LYS A 113 -2.65 -7.54 -24.38
N TYR A 114 -2.88 -6.51 -23.56
CA TYR A 114 -2.26 -5.19 -23.76
C TYR A 114 -1.29 -4.89 -22.64
N SER A 115 -0.14 -4.34 -23.00
CA SER A 115 0.88 -3.98 -21.97
C SER A 115 1.48 -2.60 -22.24
N PHE A 116 2.16 -2.08 -21.24
CA PHE A 116 2.71 -0.70 -21.25
C PHE A 116 3.93 -0.71 -20.34
N SER A 117 4.83 0.23 -20.59
CA SER A 117 6.11 0.32 -19.84
C SER A 117 6.19 1.62 -19.06
N GLU A 118 5.31 2.60 -19.32
CA GLU A 118 5.38 3.94 -18.71
C GLU A 118 5.11 3.86 -17.20
N VAL A 119 5.77 4.72 -16.42
CA VAL A 119 5.59 4.76 -14.96
C VAL A 119 4.15 5.10 -14.64
N SER A 120 3.57 6.02 -15.39
CA SER A 120 2.19 6.55 -15.27
C SER A 120 1.47 6.24 -16.60
N TYR A 121 0.39 5.50 -16.56
CA TYR A 121 -0.39 5.11 -17.76
C TYR A 121 -1.84 5.48 -17.54
N TRP A 122 -2.43 6.30 -18.40
CA TRP A 122 -3.85 6.65 -18.33
CA TRP A 122 -3.88 6.51 -18.13
C TRP A 122 -4.69 5.58 -19.04
N LEU A 123 -5.19 4.60 -18.31
CA LEU A 123 -6.14 3.62 -18.87
C LEU A 123 -7.29 4.39 -19.54
N VAL A 124 -7.82 5.38 -18.84
CA VAL A 124 -8.78 6.35 -19.41
C VAL A 124 -8.26 7.76 -19.11
N LYS A 125 -8.04 8.56 -20.16
CA LYS A 125 -7.58 9.98 -20.07
C LYS A 125 -8.37 10.72 -18.99
N ASN A 126 -7.67 11.31 -18.01
CA ASN A 126 -8.22 12.19 -16.94
C ASN A 126 -9.15 11.46 -15.96
N LYS A 127 -9.28 10.13 -16.03
CA LYS A 127 -10.27 9.39 -15.22
C LYS A 127 -9.64 8.21 -14.47
N ILE A 128 -8.76 7.45 -15.11
CA ILE A 128 -8.16 6.24 -14.47
C ILE A 128 -6.68 6.25 -14.79
N GLU A 129 -5.86 6.53 -13.77
CA GLU A 129 -4.39 6.54 -13.88
C GLU A 129 -3.83 5.27 -13.25
N VAL A 130 -2.91 4.59 -13.92
CA VAL A 130 -2.16 3.44 -13.37
C VAL A 130 -0.74 3.95 -13.10
N PHE A 131 -0.25 3.75 -11.89
CA PHE A 131 1.07 4.30 -11.48
C PHE A 131 1.90 3.21 -10.82
N TYR A 132 3.16 3.14 -11.22
CA TYR A 132 4.16 2.22 -10.66
C TYR A 132 5.01 2.99 -9.63
N PRO A 133 4.83 2.78 -8.31
CA PRO A 133 5.64 3.54 -7.32
C PRO A 133 7.05 2.94 -7.12
N GLY A 134 7.27 1.75 -7.63
CA GLY A 134 8.48 0.96 -7.40
C GLY A 134 8.16 -0.32 -6.66
N PRO A 135 9.13 -1.25 -6.54
CA PRO A 135 8.90 -2.52 -5.89
C PRO A 135 8.44 -2.39 -4.44
N GLY A 136 7.61 -3.34 -4.00
CA GLY A 136 7.26 -3.48 -2.59
C GLY A 136 6.76 -4.88 -2.30
N HIS A 137 5.46 -5.04 -2.25
CA HIS A 137 4.79 -6.37 -2.12
C HIS A 137 5.37 -7.30 -3.20
N THR A 138 5.46 -6.81 -4.43
CA THR A 138 6.11 -7.48 -5.56
C THR A 138 6.94 -6.47 -6.33
N GLN A 139 7.71 -6.98 -7.27
CA GLN A 139 8.55 -6.15 -8.13
C GLN A 139 7.69 -5.25 -9.00
N ASP A 140 6.51 -5.74 -9.40
CA ASP A 140 5.68 -5.11 -10.45
C ASP A 140 4.50 -4.30 -9.89
N ASN A 141 4.31 -4.25 -8.57
CA ASN A 141 3.03 -3.77 -8.01
C ASN A 141 2.70 -2.35 -8.49
N LEU A 142 1.44 -2.14 -8.90
CA LEU A 142 0.92 -0.84 -9.36
C LEU A 142 -0.23 -0.41 -8.45
N VAL A 143 -0.54 0.86 -8.52
CA VAL A 143 -1.75 1.45 -7.90
C VAL A 143 -2.59 2.06 -9.02
N VAL A 144 -3.83 2.35 -8.68
CA VAL A 144 -4.74 3.01 -9.64
C VAL A 144 -5.38 4.19 -8.92
N TRP A 145 -5.36 5.31 -9.60
CA TRP A 145 -5.83 6.59 -9.07
C TRP A 145 -7.03 7.08 -9.91
N LEU A 146 -8.07 7.53 -9.22
CA LEU A 146 -9.29 8.11 -9.83
C LEU A 146 -9.30 9.58 -9.47
N PRO A 147 -8.80 10.49 -10.34
CA PRO A 147 -8.64 11.88 -9.92
C PRO A 147 -9.94 12.62 -9.57
N GLU A 148 -11.07 12.25 -10.18
CA GLU A 148 -12.38 12.92 -9.94
C GLU A 148 -12.85 12.67 -8.51
N SER A 149 -12.70 11.43 -8.01
CA SER A 149 -13.15 11.02 -6.67
C SER A 149 -12.01 11.12 -5.63
N LYS A 150 -10.77 11.31 -6.10
CA LYS A 150 -9.55 11.25 -5.27
C LYS A 150 -9.55 9.91 -4.49
N ILE A 151 -9.89 8.83 -5.17
CA ILE A 151 -9.79 7.45 -4.61
C ILE A 151 -8.52 6.82 -5.17
N LEU A 152 -7.70 6.27 -4.28
CA LEU A 152 -6.50 5.46 -4.64
C LEU A 152 -6.79 4.00 -4.30
N PHE A 153 -6.67 3.13 -5.30
CA PHE A 153 -6.64 1.67 -5.08
C PHE A 153 -5.18 1.26 -4.97
N GLY A 154 -4.76 0.83 -3.78
CA GLY A 154 -3.36 0.46 -3.55
C GLY A 154 -3.05 -0.99 -3.73
N GLY A 155 -4.05 -1.82 -4.04
CA GLY A 155 -3.81 -3.26 -4.17
C GLY A 155 -3.07 -3.83 -2.97
N CYS A 156 -2.14 -4.74 -3.22
CA CYS A 156 -1.43 -5.49 -2.17
C CYS A 156 -0.18 -4.73 -1.73
N PHE A 157 0.06 -3.54 -2.31
CA PHE A 157 1.14 -2.64 -1.84
C PHE A 157 0.73 -1.98 -0.54
N ILE A 158 -0.55 -1.59 -0.39
CA ILE A 158 -1.02 -0.89 0.83
C ILE A 158 -1.25 -1.95 1.91
N LYS A 159 -0.47 -1.88 2.99
CA LYS A 159 -0.38 -2.92 4.05
C LYS A 159 -0.21 -2.21 5.39
N PRO A 160 -1.28 -1.57 5.91
CA PRO A 160 -1.16 -0.71 7.08
C PRO A 160 -0.97 -1.48 8.40
N HIS A 161 -1.22 -2.78 8.40
CA HIS A 161 -1.23 -3.60 9.63
C HIS A 161 -0.58 -4.93 9.33
N GLY A 162 0.62 -4.91 8.79
CA GLY A 162 1.37 -6.16 8.49
C GLY A 162 1.47 -6.38 6.98
N LEU A 163 2.63 -6.84 6.53
CA LEU A 163 3.00 -6.81 5.09
C LEU A 163 2.38 -8.00 4.37
N GLY A 164 1.93 -9.06 5.08
CA GLY A 164 1.41 -10.28 4.43
C GLY A 164 2.51 -11.12 3.79
N ASN A 165 2.27 -11.64 2.60
CA ASN A 165 3.13 -12.64 1.92
C ASN A 165 4.39 -11.96 1.42
N LEU A 166 5.55 -12.33 2.00
CA LEU A 166 6.86 -11.71 1.71
C LEU A 166 7.58 -12.50 0.61
N GLY A 167 7.01 -13.60 0.11
CA GLY A 167 7.66 -14.52 -0.84
C GLY A 167 8.24 -13.80 -2.04
N ASP A 168 7.52 -12.82 -2.61
CA ASP A 168 7.97 -12.12 -3.84
C ASP A 168 8.29 -10.66 -3.56
N ALA A 169 8.41 -10.31 -2.28
CA ALA A 169 8.52 -8.90 -1.83
C ALA A 169 9.96 -8.38 -1.96
N ASN A 170 10.07 -7.06 -2.09
CA ASN A 170 11.37 -6.32 -2.05
C ASN A 170 11.37 -5.40 -0.83
N LEU A 171 11.80 -5.89 0.33
CA LEU A 171 11.75 -5.13 1.61
C LEU A 171 12.70 -3.93 1.55
N GLU A 172 13.83 -4.08 0.87
CA GLU A 172 14.81 -2.97 0.71
C GLU A 172 14.17 -1.79 -0.03
N ALA A 173 13.39 -2.03 -1.10
CA ALA A 173 12.82 -0.97 -1.95
C ALA A 173 11.50 -0.43 -1.37
N TRP A 174 10.76 -1.25 -0.62
CA TRP A 174 9.37 -0.89 -0.24
C TRP A 174 9.27 0.45 0.45
N PRO A 175 10.14 0.83 1.43
CA PRO A 175 10.02 2.14 2.04
C PRO A 175 10.16 3.27 1.00
N LYS A 176 11.11 3.13 0.11
CA LYS A 176 11.33 4.18 -0.92
C LYS A 176 10.08 4.27 -1.81
N SER A 177 9.56 3.12 -2.21
CA SER A 177 8.35 3.06 -3.07
C SER A 177 7.16 3.66 -2.31
N ALA A 178 7.06 3.43 -0.99
CA ALA A 178 5.93 3.97 -0.20
C ALA A 178 6.03 5.49 -0.08
N LYS A 179 7.25 6.05 0.06
CA LYS A 179 7.43 7.53 0.10
C LYS A 179 7.09 8.15 -1.24
N ILE A 180 7.45 7.48 -2.34
CA ILE A 180 7.10 7.93 -3.73
C ILE A 180 5.57 7.98 -3.82
N LEU A 181 4.88 6.95 -3.32
CA LEU A 181 3.42 6.90 -3.39
C LEU A 181 2.79 8.05 -2.59
N MET A 182 3.31 8.32 -1.37
CA MET A 182 2.79 9.37 -0.48
C MET A 182 3.00 10.74 -1.14
N SER A 183 4.16 10.93 -1.76
CA SER A 183 4.53 12.18 -2.48
C SER A 183 3.61 12.39 -3.69
N LYS A 184 3.28 11.33 -4.41
CA LYS A 184 2.41 11.42 -5.63
C LYS A 184 0.96 11.71 -5.21
N TYR A 185 0.40 11.03 -4.20
CA TYR A 185 -1.07 11.01 -3.93
C TYR A 185 -1.45 11.50 -2.53
N GLY A 186 -0.74 12.48 -2.00
CA GLY A 186 -1.09 13.13 -0.73
C GLY A 186 -2.50 13.65 -0.69
N LYS A 187 -3.11 13.99 -1.84
CA LYS A 187 -4.48 14.54 -1.90
C LYS A 187 -5.54 13.44 -1.83
N ALA A 188 -5.16 12.17 -1.73
CA ALA A 188 -6.14 11.06 -1.74
C ALA A 188 -7.16 11.28 -0.63
N LYS A 189 -8.46 11.13 -0.89
CA LYS A 189 -9.51 11.20 0.15
C LYS A 189 -9.76 9.81 0.74
N LEU A 190 -9.54 8.76 -0.07
CA LEU A 190 -9.87 7.37 0.30
C LEU A 190 -8.80 6.48 -0.31
N VAL A 191 -8.29 5.56 0.47
CA VAL A 191 -7.35 4.50 0.03
C VAL A 191 -8.04 3.15 0.21
N VAL A 192 -8.33 2.48 -0.91
CA VAL A 192 -8.87 1.10 -0.91
C VAL A 192 -7.70 0.14 -1.11
N SER A 193 -7.62 -0.88 -0.29
CA SER A 193 -6.49 -1.84 -0.39
C SER A 193 -7.05 -3.22 -0.71
N SER A 194 -6.17 -4.15 -1.06
CA SER A 194 -6.58 -5.54 -1.38
C SER A 194 -7.20 -6.19 -0.15
N HIS A 195 -6.64 -5.99 1.05
CA HIS A 195 -6.93 -6.95 2.17
C HIS A 195 -7.25 -6.17 3.45
N SER A 196 -7.18 -4.84 3.44
CA SER A 196 -7.33 -4.06 4.68
C SER A 196 -8.61 -3.24 4.63
N GLU A 197 -8.96 -2.64 5.77
CA GLU A 197 -10.14 -1.72 5.87
C GLU A 197 -9.85 -0.49 4.98
N LYS A 198 -10.85 0.06 4.32
CA LYS A 198 -10.67 1.33 3.57
C LYS A 198 -10.33 2.42 4.60
N GLY A 199 -9.58 3.42 4.16
CA GLY A 199 -9.12 4.47 5.06
C GLY A 199 -8.75 5.70 4.31
N ASP A 200 -8.16 6.67 5.02
CA ASP A 200 -7.79 7.96 4.40
C ASP A 200 -6.33 7.88 3.97
N ALA A 201 -5.74 9.00 3.52
CA ALA A 201 -4.36 9.01 3.00
C ALA A 201 -3.35 8.53 4.03
N SER A 202 -3.68 8.50 5.34
CA SER A 202 -2.74 8.01 6.39
C SER A 202 -2.37 6.54 6.17
N LEU A 203 -3.17 5.77 5.42
CA LEU A 203 -2.82 4.35 5.17
C LEU A 203 -1.51 4.26 4.36
N MET A 204 -1.16 5.27 3.57
CA MET A 204 0.15 5.30 2.86
C MET A 204 1.29 5.49 3.87
N LYS A 205 1.07 6.33 4.87
CA LYS A 205 2.07 6.49 5.97
C LYS A 205 2.18 5.21 6.81
N ARG A 206 1.05 4.58 7.17
CA ARG A 206 1.03 3.29 7.89
C ARG A 206 1.84 2.28 7.06
N THR A 207 1.63 2.20 5.73
CA THR A 207 2.38 1.25 4.89
C THR A 207 3.88 1.49 4.98
N TRP A 208 4.31 2.74 4.82
CA TRP A 208 5.73 3.13 4.92
C TRP A 208 6.29 2.62 6.28
N GLU A 209 5.58 2.89 7.36
CA GLU A 209 5.98 2.45 8.74
C GLU A 209 6.11 0.92 8.75
N GLN A 210 5.14 0.18 8.17
CA GLN A 210 5.15 -1.30 8.19
C GLN A 210 6.31 -1.81 7.34
N ALA A 211 6.59 -1.18 6.19
CA ALA A 211 7.71 -1.58 5.30
C ALA A 211 9.06 -1.40 6.05
N LEU A 212 9.25 -0.24 6.67
CA LEU A 212 10.45 0.04 7.50
C LEU A 212 10.62 -1.05 8.55
N LYS A 213 9.57 -1.32 9.31
CA LYS A 213 9.54 -2.34 10.39
C LYS A 213 9.91 -3.71 9.82
N GLY A 214 9.27 -4.12 8.72
CA GLY A 214 9.55 -5.42 8.08
C GLY A 214 10.99 -5.54 7.63
N LEU A 215 11.55 -4.47 7.04
CA LEU A 215 12.95 -4.48 6.54
C LEU A 215 13.90 -4.63 7.73
N LYS A 216 13.70 -3.80 8.76
CA LYS A 216 14.54 -3.83 9.99
C LYS A 216 14.52 -5.24 10.58
N GLU A 217 13.34 -5.84 10.72
CA GLU A 217 13.19 -7.21 11.29
C GLU A 217 13.88 -8.26 10.39
N SER A 218 13.97 -8.07 9.08
CA SER A 218 14.48 -9.10 8.12
C SER A 218 15.97 -9.35 8.33
N LEU B 2 22.96 27.07 -34.11
CA LEU B 2 23.11 26.54 -32.73
C LEU B 2 24.27 25.56 -32.63
N PRO B 3 25.22 25.71 -31.68
CA PRO B 3 26.22 24.66 -31.46
C PRO B 3 25.55 23.34 -31.06
N ASP B 4 26.19 22.25 -31.44
CA ASP B 4 25.66 20.87 -31.24
C ASP B 4 25.80 20.53 -29.76
N LEU B 5 24.92 19.64 -29.29
CA LEU B 5 25.07 19.02 -27.96
C LEU B 5 26.48 18.44 -27.84
N LYS B 6 27.15 18.67 -26.71
CA LYS B 6 28.50 18.15 -26.41
C LYS B 6 28.36 17.13 -25.29
N ILE B 7 29.12 16.04 -25.37
CA ILE B 7 29.27 15.05 -24.28
C ILE B 7 30.76 14.88 -24.04
N GLU B 8 31.22 15.13 -22.83
CA GLU B 8 32.67 15.13 -22.49
C GLU B 8 32.86 14.35 -21.21
N LYS B 9 33.78 13.38 -21.22
CA LYS B 9 34.10 12.59 -20.03
C LYS B 9 34.87 13.47 -19.04
N LEU B 10 34.46 13.51 -17.78
CA LEU B 10 35.15 14.26 -16.70
C LEU B 10 36.14 13.32 -16.02
N GLU B 11 35.61 12.17 -15.65
CA GLU B 11 36.20 11.16 -14.75
C GLU B 11 35.57 9.83 -15.14
N GLU B 12 36.12 8.71 -14.64
CA GLU B 12 35.47 7.39 -14.82
C GLU B 12 34.02 7.53 -14.33
N GLY B 13 33.07 7.22 -15.20
CA GLY B 13 31.63 7.10 -14.88
C GLY B 13 30.93 8.46 -14.79
N VAL B 14 31.60 9.54 -15.15
CA VAL B 14 30.97 10.90 -15.05
C VAL B 14 31.27 11.69 -16.31
N PHE B 15 30.20 12.17 -16.95
CA PHE B 15 30.25 12.92 -18.20
C PHE B 15 29.55 14.25 -17.96
N VAL B 16 30.03 15.28 -18.65
CA VAL B 16 29.30 16.59 -18.71
C VAL B 16 28.58 16.62 -20.04
N HIS B 17 27.29 16.95 -20.01
CA HIS B 17 26.51 17.23 -21.23
C HIS B 17 26.32 18.74 -21.30
N THR B 18 26.55 19.29 -22.48
CA THR B 18 26.40 20.73 -22.70
C THR B 18 25.43 20.94 -23.85
N SER B 19 24.39 21.71 -23.60
CA SER B 19 23.34 21.97 -24.59
C SER B 19 23.18 23.48 -24.74
N PHE B 20 22.60 23.89 -25.85
CA PHE B 20 22.56 25.32 -26.24
C PHE B 20 21.16 25.73 -26.60
N GLU B 21 20.77 26.92 -26.21
CA GLU B 21 19.45 27.46 -26.60
C GLU B 21 19.63 28.91 -27.01
N GLU B 22 19.05 29.26 -28.14
CA GLU B 22 19.02 30.63 -28.67
C GLU B 22 17.83 31.32 -28.02
N VAL B 23 18.04 32.38 -27.27
CA VAL B 23 16.94 33.27 -26.84
C VAL B 23 16.76 34.29 -27.96
N ASN B 24 15.55 34.41 -28.51
CA ASN B 24 15.28 35.33 -29.66
C ASN B 24 15.81 36.73 -29.33
N GLY B 25 16.73 37.21 -30.17
CA GLY B 25 17.34 38.54 -30.10
C GLY B 25 18.37 38.68 -28.98
N TRP B 26 18.65 37.65 -28.20
CA TRP B 26 19.54 37.78 -27.01
C TRP B 26 20.69 36.75 -27.03
N GLY B 27 20.86 35.96 -28.06
CA GLY B 27 22.06 35.10 -28.12
C GLY B 27 21.90 33.81 -27.32
N VAL B 28 22.96 33.03 -27.26
CA VAL B 28 22.91 31.58 -26.93
C VAL B 28 23.22 31.41 -25.45
N VAL B 29 22.46 30.56 -24.79
CA VAL B 29 22.68 30.12 -23.38
C VAL B 29 23.41 28.77 -23.45
N THR B 30 24.49 28.65 -22.71
CA THR B 30 25.24 27.38 -22.55
C THR B 30 24.79 26.75 -21.23
N LYS B 31 24.37 25.51 -21.27
CA LYS B 31 23.86 24.80 -20.07
C LYS B 31 24.59 23.46 -19.91
N HIS B 32 25.24 23.28 -18.78
CA HIS B 32 25.88 21.99 -18.38
C HIS B 32 24.97 21.18 -17.46
N GLY B 33 24.93 19.87 -17.70
CA GLY B 33 24.45 18.84 -16.78
C GLY B 33 25.42 17.68 -16.74
N LEU B 34 25.06 16.62 -16.05
CA LEU B 34 25.91 15.41 -15.96
C LEU B 34 25.14 14.19 -16.47
N VAL B 35 25.93 13.20 -16.87
CA VAL B 35 25.45 11.80 -16.95
C VAL B 35 26.38 10.99 -16.07
N VAL B 36 25.80 10.20 -15.18
CA VAL B 36 26.52 9.44 -14.15
C VAL B 36 26.23 7.96 -14.39
N LEU B 37 27.28 7.14 -14.45
CA LEU B 37 27.13 5.69 -14.64
C LEU B 37 27.18 5.00 -13.29
N VAL B 38 26.27 4.06 -13.11
CA VAL B 38 26.28 3.14 -11.93
C VAL B 38 26.26 1.74 -12.52
N ASN B 39 27.38 1.00 -12.40
CA ASN B 39 27.54 -0.27 -13.18
C ASN B 39 27.39 0.12 -14.66
N THR B 40 26.47 -0.46 -15.44
CA THR B 40 26.26 -0.09 -16.85
C THR B 40 24.89 0.62 -17.00
N ASP B 41 24.38 1.19 -15.90
CA ASP B 41 23.14 2.03 -15.89
C ASP B 41 23.58 3.51 -15.96
N ALA B 42 22.82 4.36 -16.64
CA ALA B 42 23.11 5.82 -16.70
C ALA B 42 21.96 6.62 -16.06
N TYR B 43 22.34 7.71 -15.39
CA TYR B 43 21.39 8.67 -14.80
C TYR B 43 21.69 10.05 -15.39
N LEU B 44 20.63 10.76 -15.79
CA LEU B 44 20.78 12.14 -16.33
C LEU B 44 20.61 13.10 -15.15
N ILE B 45 21.57 13.97 -14.95
CA ILE B 45 21.51 15.05 -13.95
C ILE B 45 21.23 16.32 -14.76
N ASP B 46 19.97 16.75 -14.72
CA ASP B 46 19.38 17.79 -15.59
C ASP B 46 19.23 17.30 -17.04
N THR B 47 18.15 17.71 -17.66
CA THR B 47 17.92 17.48 -19.10
C THR B 47 18.42 18.70 -19.86
N PRO B 48 18.83 18.51 -21.13
CA PRO B 48 18.88 19.61 -22.10
C PRO B 48 17.57 20.38 -22.16
N PHE B 49 17.62 21.53 -22.81
CA PHE B 49 16.46 22.44 -22.95
C PHE B 49 15.34 21.75 -23.73
N THR B 50 15.70 20.93 -24.73
CA THR B 50 14.73 20.39 -25.73
C THR B 50 14.62 18.87 -25.65
N ALA B 51 13.45 18.36 -26.08
CA ALA B 51 13.21 16.93 -26.33
C ALA B 51 14.25 16.41 -27.32
N THR B 52 14.51 17.18 -28.39
CA THR B 52 15.47 16.80 -29.45
C THR B 52 16.83 16.48 -28.84
N ASP B 53 17.38 17.39 -28.04
CA ASP B 53 18.72 17.21 -27.45
C ASP B 53 18.67 16.14 -26.36
N THR B 54 17.54 16.00 -25.66
CA THR B 54 17.41 14.93 -24.63
C THR B 54 17.49 13.58 -25.35
N GLU B 55 16.80 13.47 -26.49
CA GLU B 55 16.84 12.22 -27.29
C GLU B 55 18.27 11.95 -27.77
N LYS B 56 18.97 12.95 -28.28
CA LYS B 56 20.37 12.75 -28.76
C LYS B 56 21.23 12.26 -27.62
N LEU B 57 21.07 12.85 -26.43
CA LEU B 57 21.87 12.51 -25.23
C LEU B 57 21.60 11.07 -24.83
N VAL B 58 20.33 10.72 -24.68
CA VAL B 58 19.90 9.33 -24.34
C VAL B 58 20.47 8.37 -25.40
N ASN B 59 20.30 8.68 -26.67
CA ASN B 59 20.72 7.78 -27.79
C ASN B 59 22.24 7.54 -27.71
N TRP B 60 23.04 8.57 -27.37
CA TRP B 60 24.52 8.44 -27.29
C TRP B 60 24.88 7.35 -26.30
N PHE B 61 24.24 7.34 -25.13
CA PHE B 61 24.55 6.37 -24.06
C PHE B 61 23.93 5.02 -24.41
N VAL B 62 22.70 4.98 -24.92
CA VAL B 62 22.02 3.69 -25.26
C VAL B 62 22.86 2.97 -26.34
N GLU B 63 23.33 3.73 -27.32
CA GLU B 63 24.17 3.21 -28.43
C GLU B 63 25.47 2.62 -27.89
N ARG B 64 26.00 3.10 -26.76
CA ARG B 64 27.24 2.57 -26.13
C ARG B 64 26.90 1.54 -25.04
N GLY B 65 25.67 1.02 -25.04
CA GLY B 65 25.27 -0.14 -24.20
C GLY B 65 24.88 0.23 -22.78
N TYR B 66 24.51 1.49 -22.52
CA TYR B 66 24.01 1.90 -21.18
C TYR B 66 22.48 2.00 -21.27
N GLU B 67 21.76 1.60 -20.24
CA GLU B 67 20.31 1.90 -20.09
C GLU B 67 20.16 3.17 -19.25
N ILE B 68 19.27 4.07 -19.68
CA ILE B 68 18.91 5.27 -18.86
C ILE B 68 17.93 4.81 -17.80
N LYS B 69 18.36 4.73 -16.53
CA LYS B 69 17.52 4.22 -15.43
C LYS B 69 16.78 5.34 -14.72
N GLY B 70 17.20 6.59 -14.88
CA GLY B 70 16.49 7.70 -14.18
C GLY B 70 17.08 9.05 -14.47
N THR B 71 16.29 10.10 -14.24
CA THR B 71 16.75 11.50 -14.39
C THR B 71 16.34 12.28 -13.14
N ILE B 72 17.16 13.24 -12.75
CA ILE B 72 16.83 14.20 -11.68
C ILE B 72 16.98 15.61 -12.28
N SER B 73 16.03 16.50 -12.02
CA SER B 73 16.06 17.92 -12.44
C SER B 73 16.40 18.76 -11.20
N SER B 74 17.36 19.66 -11.36
CA SER B 74 17.96 20.42 -10.23
C SER B 74 17.01 21.54 -9.83
N HIS B 75 16.15 22.00 -10.74
CA HIS B 75 15.17 23.08 -10.49
C HIS B 75 14.18 23.17 -11.63
N PHE B 76 13.13 23.98 -11.45
CA PHE B 76 11.95 23.92 -12.35
C PHE B 76 12.21 24.57 -13.71
N HIS B 77 13.22 25.42 -13.86
CA HIS B 77 13.48 26.16 -15.12
C HIS B 77 13.67 25.16 -16.26
N SER B 78 13.35 25.56 -17.49
CA SER B 78 13.36 24.63 -18.64
C SER B 78 14.81 24.21 -18.97
N ASP B 79 15.83 24.90 -18.44
CA ASP B 79 17.26 24.50 -18.67
CA ASP B 79 17.26 24.50 -18.65
C ASP B 79 17.59 23.21 -17.90
N SER B 80 16.74 22.75 -17.01
CA SER B 80 16.93 21.50 -16.25
C SER B 80 15.82 20.48 -16.51
N THR B 81 14.65 20.93 -17.00
CA THR B 81 13.40 20.11 -17.08
C THR B 81 12.88 19.96 -18.52
N GLY B 82 13.49 20.62 -19.50
CA GLY B 82 12.91 20.68 -20.87
C GLY B 82 12.60 19.30 -21.42
N GLY B 83 13.44 18.30 -21.13
CA GLY B 83 13.30 16.94 -21.63
C GLY B 83 12.37 16.03 -20.85
N ILE B 84 11.75 16.48 -19.76
CA ILE B 84 10.97 15.55 -18.87
C ILE B 84 9.85 14.88 -19.69
N GLU B 85 9.07 15.68 -20.42
CA GLU B 85 7.90 15.18 -21.19
C GLU B 85 8.37 14.06 -22.10
N TRP B 86 9.46 14.26 -22.84
CA TRP B 86 10.00 13.23 -23.76
C TRP B 86 10.45 11.99 -22.97
N LEU B 87 11.18 12.17 -21.86
CA LEU B 87 11.65 11.04 -21.04
C LEU B 87 10.44 10.23 -20.53
N ASN B 88 9.37 10.91 -20.09
CA ASN B 88 8.16 10.22 -19.56
C ASN B 88 7.58 9.33 -20.70
N SER B 89 7.53 9.87 -21.93
CA SER B 89 7.00 9.16 -23.13
C SER B 89 7.86 7.93 -23.47
N GLN B 90 9.15 7.93 -23.09
CA GLN B 90 10.13 6.85 -23.31
C GLN B 90 10.23 5.90 -22.11
N SER B 91 9.37 6.04 -21.10
CA SER B 91 9.37 5.12 -19.93
C SER B 91 10.66 5.26 -19.11
N ILE B 92 11.36 6.39 -19.21
CA ILE B 92 12.58 6.66 -18.38
C ILE B 92 12.11 7.40 -17.13
N PRO B 93 12.28 6.81 -15.92
CA PRO B 93 11.82 7.42 -14.67
C PRO B 93 12.38 8.85 -14.51
N THR B 94 11.51 9.83 -14.36
CA THR B 94 11.88 11.23 -14.08
C THR B 94 11.61 11.54 -12.60
N TYR B 95 12.58 12.19 -11.97
CA TYR B 95 12.46 12.64 -10.57
C TYR B 95 12.63 14.14 -10.45
N ALA B 96 11.86 14.72 -9.53
CA ALA B 96 11.94 16.14 -9.11
C ALA B 96 11.47 16.23 -7.68
N SER B 97 11.96 17.23 -6.94
CA SER B 97 11.39 17.48 -5.60
C SER B 97 9.91 17.83 -5.74
N GLU B 98 9.16 17.66 -4.65
CA GLU B 98 7.77 18.14 -4.57
C GLU B 98 7.71 19.62 -4.92
N LEU B 99 8.60 20.44 -4.39
CA LEU B 99 8.56 21.88 -4.65
C LEU B 99 8.74 22.15 -6.15
N THR B 100 9.68 21.46 -6.78
CA THR B 100 9.94 21.62 -8.21
C THR B 100 8.69 21.23 -8.99
N ASN B 101 8.07 20.12 -8.65
CA ASN B 101 6.90 19.63 -9.41
C ASN B 101 5.75 20.61 -9.23
N GLU B 102 5.59 21.20 -8.03
CA GLU B 102 4.54 22.23 -7.78
C GLU B 102 4.78 23.46 -8.66
N LEU B 103 6.05 23.88 -8.79
CA LEU B 103 6.45 25.06 -9.60
C LEU B 103 6.23 24.71 -11.07
N LEU B 104 6.56 23.51 -11.50
CA LEU B 104 6.27 23.07 -12.89
C LEU B 104 4.75 23.16 -13.12
N LYS B 105 3.95 22.61 -12.21
CA LYS B 105 2.46 22.57 -12.38
C LYS B 105 1.93 24.01 -12.45
N LYS B 106 2.42 24.91 -11.57
CA LYS B 106 1.97 26.32 -11.52
C LYS B 106 2.31 27.04 -12.82
N SER B 107 3.36 26.62 -13.53
CA SER B 107 3.85 27.23 -14.79
C SER B 107 3.24 26.58 -16.02
N GLY B 108 2.32 25.63 -15.84
CA GLY B 108 1.70 24.86 -16.95
C GLY B 108 2.68 23.90 -17.62
N LYS B 109 3.67 23.39 -16.89
CA LYS B 109 4.72 22.50 -17.47
C LYS B 109 4.48 21.07 -17.00
N VAL B 110 5.00 20.13 -17.79
CA VAL B 110 4.94 18.67 -17.51
C VAL B 110 5.77 18.36 -16.26
N GLN B 111 5.22 17.54 -15.37
CA GLN B 111 5.87 17.20 -14.07
C GLN B 111 6.74 15.95 -14.25
N ALA B 112 7.74 15.80 -13.38
CA ALA B 112 8.44 14.53 -13.19
C ALA B 112 7.42 13.55 -12.61
N LYS B 113 7.60 12.27 -12.92
CA LYS B 113 6.65 11.23 -12.46
C LYS B 113 6.90 10.86 -11.01
N TYR B 114 8.14 10.98 -10.53
CA TYR B 114 8.49 10.61 -9.15
C TYR B 114 8.93 11.87 -8.42
N SER B 115 8.49 12.03 -7.17
CA SER B 115 8.89 13.21 -6.37
C SER B 115 9.22 12.80 -4.93
N PHE B 116 9.85 13.71 -4.20
CA PHE B 116 10.33 13.45 -2.83
C PHE B 116 10.38 14.81 -2.11
N SER B 117 10.28 14.77 -0.80
CA SER B 117 10.29 15.99 0.07
C SER B 117 11.52 16.00 0.98
N GLU B 118 12.29 14.92 1.08
CA GLU B 118 13.44 14.87 2.03
C GLU B 118 14.54 15.86 1.64
N VAL B 119 15.26 16.38 2.64
CA VAL B 119 16.36 17.34 2.38
C VAL B 119 17.46 16.63 1.60
N SER B 120 17.76 15.40 1.97
CA SER B 120 18.79 14.51 1.40
C SER B 120 18.05 13.27 0.83
N TYR B 121 18.10 13.09 -0.47
CA TYR B 121 17.44 11.95 -1.17
C TYR B 121 18.52 11.15 -1.89
N TRP B 122 18.61 9.87 -1.63
CA TRP B 122 19.56 9.01 -2.37
C TRP B 122 18.85 8.49 -3.62
N LEU B 123 19.04 9.14 -4.75
CA LEU B 123 18.52 8.65 -6.04
C LEU B 123 19.05 7.23 -6.26
N VAL B 124 20.33 7.03 -6.03
CA VAL B 124 20.99 5.69 -5.97
C VAL B 124 21.79 5.61 -4.69
N LYS B 125 21.50 4.62 -3.84
CA LYS B 125 22.13 4.47 -2.50
C LYS B 125 23.66 4.49 -2.66
N ASN B 126 24.34 5.33 -1.89
CA ASN B 126 25.81 5.46 -1.79
C ASN B 126 26.46 5.93 -3.10
N LYS B 127 25.68 6.35 -4.10
CA LYS B 127 26.25 6.71 -5.43
C LYS B 127 25.78 8.08 -5.91
N ILE B 128 24.49 8.40 -5.73
CA ILE B 128 23.94 9.71 -6.23
C ILE B 128 23.03 10.29 -5.16
N GLU B 129 23.48 11.36 -4.53
CA GLU B 129 22.73 12.06 -3.48
C GLU B 129 22.13 13.34 -4.03
N VAL B 130 20.85 13.62 -3.75
CA VAL B 130 20.18 14.87 -4.13
C VAL B 130 19.98 15.63 -2.83
N PHE B 131 20.40 16.87 -2.79
CA PHE B 131 20.41 17.68 -1.55
C PHE B 131 19.81 19.04 -1.84
N TYR B 132 18.93 19.44 -0.94
CA TYR B 132 18.30 20.77 -0.96
C TYR B 132 19.02 21.66 0.05
N PRO B 133 19.82 22.67 -0.38
CA PRO B 133 20.53 23.51 0.60
C PRO B 133 19.68 24.66 1.14
N GLY B 134 18.53 24.87 0.54
CA GLY B 134 17.65 26.02 0.75
C GLY B 134 17.57 26.89 -0.50
N PRO B 135 16.67 27.88 -0.49
CA PRO B 135 16.47 28.77 -1.62
C PRO B 135 17.73 29.56 -2.01
N GLY B 136 17.89 29.83 -3.30
CA GLY B 136 18.92 30.73 -3.82
C GLY B 136 18.51 31.26 -5.19
N HIS B 137 19.08 30.68 -6.22
CA HIS B 137 18.71 30.96 -7.63
C HIS B 137 17.19 30.84 -7.78
N THR B 138 16.60 29.80 -7.19
CA THR B 138 15.16 29.57 -7.12
C THR B 138 14.83 29.01 -5.74
N GLN B 139 13.55 28.95 -5.46
CA GLN B 139 13.02 28.44 -4.18
C GLN B 139 13.38 26.96 -4.04
N ASP B 140 13.46 26.24 -5.16
CA ASP B 140 13.50 24.76 -5.18
C ASP B 140 14.88 24.23 -5.50
N ASN B 141 15.86 25.07 -5.81
CA ASN B 141 17.14 24.60 -6.39
C ASN B 141 17.78 23.49 -5.54
N LEU B 142 18.19 22.40 -6.21
CA LEU B 142 18.89 21.25 -5.61
C LEU B 142 20.28 21.12 -6.17
N VAL B 143 21.13 20.42 -5.44
CA VAL B 143 22.44 19.97 -5.93
C VAL B 143 22.49 18.44 -5.94
N VAL B 144 23.45 17.91 -6.69
CA VAL B 144 23.61 16.46 -6.75
C VAL B 144 25.08 16.14 -6.43
N TRP B 145 25.28 15.18 -5.53
CA TRP B 145 26.60 14.80 -5.01
C TRP B 145 26.91 13.36 -5.40
N LEU B 146 28.14 13.14 -5.89
CA LEU B 146 28.65 11.80 -6.27
C LEU B 146 29.75 11.45 -5.28
N PRO B 147 29.47 10.71 -4.19
CA PRO B 147 30.48 10.52 -3.14
C PRO B 147 31.74 9.78 -3.59
N GLU B 148 31.66 8.88 -4.58
CA GLU B 148 32.82 8.08 -5.07
C GLU B 148 33.86 9.01 -5.72
N SER B 149 33.41 9.97 -6.54
CA SER B 149 34.28 10.91 -7.30
C SER B 149 34.47 12.23 -6.54
N LYS B 150 33.67 12.45 -5.49
CA LYS B 150 33.57 13.74 -4.76
C LYS B 150 33.33 14.88 -5.77
N ILE B 151 32.42 14.64 -6.71
CA ILE B 151 31.96 15.68 -7.67
C ILE B 151 30.59 16.20 -7.19
N LEU B 152 30.46 17.51 -7.07
CA LEU B 152 29.19 18.21 -6.79
C LEU B 152 28.69 18.89 -8.07
N PHE B 153 27.48 18.57 -8.48
CA PHE B 153 26.75 19.34 -9.50
C PHE B 153 25.92 20.39 -8.79
N GLY B 154 26.24 21.67 -8.97
CA GLY B 154 25.50 22.77 -8.31
C GLY B 154 24.49 23.43 -9.19
N GLY B 155 24.38 23.05 -10.46
CA GLY B 155 23.38 23.67 -11.35
C GLY B 155 23.44 25.20 -11.33
N CYS B 156 22.30 25.87 -11.29
CA CYS B 156 22.23 27.34 -11.43
C CYS B 156 22.37 28.00 -10.05
N PHE B 157 22.52 27.19 -8.99
CA PHE B 157 22.86 27.71 -7.63
C PHE B 157 24.27 28.24 -7.62
N ILE B 158 25.22 27.56 -8.27
CA ILE B 158 26.67 27.91 -8.25
C ILE B 158 26.87 29.03 -9.27
N LYS B 159 27.22 30.24 -8.77
CA LYS B 159 27.27 31.49 -9.57
C LYS B 159 28.52 32.27 -9.15
N PRO B 160 29.72 31.84 -9.58
CA PRO B 160 30.96 32.45 -9.11
C PRO B 160 31.22 33.86 -9.69
N HIS B 161 30.47 34.28 -10.71
CA HIS B 161 30.78 35.54 -11.46
C HIS B 161 29.54 36.40 -11.64
N GLY B 162 28.64 36.43 -10.66
CA GLY B 162 27.35 37.11 -10.82
C GLY B 162 26.22 36.11 -10.83
N LEU B 163 25.08 36.54 -10.29
CA LEU B 163 24.01 35.62 -9.87
C LEU B 163 23.14 35.27 -11.08
N GLY B 164 23.22 36.06 -12.17
CA GLY B 164 22.37 35.90 -13.36
C GLY B 164 20.95 36.38 -13.11
N ASN B 165 19.97 35.64 -13.64
CA ASN B 165 18.52 35.92 -13.59
C ASN B 165 18.01 35.88 -12.15
N LEU B 166 17.59 37.01 -11.61
CA LEU B 166 17.09 37.13 -10.22
C LEU B 166 15.56 37.03 -10.19
N GLY B 167 14.90 36.78 -11.31
CA GLY B 167 13.42 36.80 -11.41
C GLY B 167 12.77 35.86 -10.39
N ASP B 168 13.35 34.70 -10.15
CA ASP B 168 12.76 33.66 -9.28
C ASP B 168 13.62 33.47 -8.03
N ALA B 169 14.62 34.33 -7.83
CA ALA B 169 15.66 34.17 -6.81
C ALA B 169 15.17 34.61 -5.42
N ASN B 170 15.84 34.08 -4.41
CA ASN B 170 15.67 34.49 -2.98
C ASN B 170 17.01 35.02 -2.47
N LEU B 171 17.27 36.33 -2.63
CA LEU B 171 18.57 36.95 -2.24
C LEU B 171 18.80 36.85 -0.74
N GLU B 172 17.74 36.98 0.05
CA GLU B 172 17.80 36.90 1.54
C GLU B 172 18.33 35.52 1.95
N ALA B 173 17.86 34.44 1.31
CA ALA B 173 18.17 33.05 1.72
C ALA B 173 19.52 32.60 1.15
N TRP B 174 19.91 33.11 -0.02
CA TRP B 174 20.99 32.52 -0.80
C TRP B 174 22.28 32.41 -0.01
N PRO B 175 22.74 33.45 0.75
CA PRO B 175 23.98 33.28 1.50
C PRO B 175 23.88 32.13 2.51
N LYS B 176 22.78 32.02 3.19
CA LYS B 176 22.56 30.98 4.22
C LYS B 176 22.59 29.61 3.52
N SER B 177 21.91 29.50 2.38
CA SER B 177 21.88 28.25 1.61
C SER B 177 23.30 27.91 1.14
N ALA B 178 24.08 28.90 0.69
CA ALA B 178 25.46 28.68 0.23
C ALA B 178 26.37 28.22 1.37
N LYS B 179 26.19 28.74 2.59
CA LYS B 179 26.98 28.29 3.77
C LYS B 179 26.61 26.85 4.15
N ILE B 180 25.33 26.51 4.04
CA ILE B 180 24.84 25.11 4.28
C ILE B 180 25.52 24.19 3.28
N LEU B 181 25.63 24.62 2.01
CA LEU B 181 26.24 23.79 0.98
C LEU B 181 27.71 23.57 1.27
N MET B 182 28.43 24.64 1.66
CA MET B 182 29.87 24.57 1.97
C MET B 182 30.12 23.69 3.20
N SER B 183 29.25 23.76 4.21
CA SER B 183 29.30 22.92 5.44
C SER B 183 29.06 21.46 5.09
N LYS B 184 28.14 21.18 4.18
CA LYS B 184 27.80 19.78 3.80
C LYS B 184 28.91 19.19 2.91
N TYR B 185 29.45 19.92 1.93
CA TYR B 185 30.33 19.35 0.85
C TYR B 185 31.73 19.98 0.78
N GLY B 186 32.30 20.31 1.94
CA GLY B 186 33.69 20.78 2.08
C GLY B 186 34.68 19.88 1.39
N LYS B 187 34.40 18.58 1.31
CA LYS B 187 35.32 17.58 0.72
C LYS B 187 35.24 17.55 -0.82
N ALA B 188 34.40 18.36 -1.45
CA ALA B 188 34.19 18.29 -2.93
C ALA B 188 35.54 18.49 -3.63
N LYS B 189 35.89 17.62 -4.59
CA LYS B 189 37.11 17.78 -5.44
C LYS B 189 36.79 18.68 -6.63
N LEU B 190 35.54 18.67 -7.11
CA LEU B 190 35.13 19.36 -8.35
C LEU B 190 33.70 19.85 -8.14
N VAL B 191 33.44 21.08 -8.55
CA VAL B 191 32.09 21.68 -8.55
C VAL B 191 31.72 22.03 -9.99
N VAL B 192 30.73 21.32 -10.53
CA VAL B 192 30.20 21.56 -11.89
C VAL B 192 28.97 22.47 -11.78
N SER B 193 29.00 23.60 -12.46
CA SER B 193 27.90 24.57 -12.47
C SER B 193 27.19 24.53 -13.84
N SER B 194 26.03 25.13 -13.90
CA SER B 194 25.18 25.16 -15.11
C SER B 194 25.87 25.99 -16.18
N HIS B 195 26.50 27.11 -15.81
CA HIS B 195 26.79 28.18 -16.80
CA HIS B 195 26.89 28.10 -16.85
C HIS B 195 28.34 28.51 -16.75
N SER B 196 29.07 28.05 -15.76
CA SER B 196 30.50 28.42 -15.59
C SER B 196 31.37 27.21 -15.87
N GLU B 197 32.66 27.46 -16.04
CA GLU B 197 33.76 26.47 -16.05
C GLU B 197 33.74 25.66 -14.75
N LYS B 198 34.03 24.37 -14.83
CA LYS B 198 34.18 23.51 -13.64
C LYS B 198 35.35 24.08 -12.82
N GLY B 199 35.29 23.89 -11.50
CA GLY B 199 36.29 24.39 -10.55
C GLY B 199 36.37 23.48 -9.34
N ASP B 200 37.13 23.89 -8.32
CA ASP B 200 37.25 23.13 -7.06
C ASP B 200 36.21 23.66 -6.07
N ALA B 201 36.27 23.22 -4.80
CA ALA B 201 35.31 23.58 -3.74
C ALA B 201 35.23 25.10 -3.56
N SER B 202 36.22 25.89 -3.98
CA SER B 202 36.19 27.37 -3.86
C SER B 202 35.02 27.97 -4.62
N LEU B 203 34.43 27.29 -5.61
CA LEU B 203 33.24 27.86 -6.32
C LEU B 203 32.05 28.05 -5.35
N MET B 204 31.97 27.23 -4.30
CA MET B 204 30.92 27.38 -3.27
C MET B 204 31.17 28.65 -2.46
N LYS B 205 32.44 28.91 -2.12
CA LYS B 205 32.94 30.17 -1.50
C LYS B 205 32.61 31.38 -2.38
N ARG B 206 32.97 31.32 -3.66
CA ARG B 206 32.68 32.40 -4.64
C ARG B 206 31.18 32.64 -4.66
N THR B 207 30.34 31.57 -4.66
CA THR B 207 28.89 31.77 -4.73
C THR B 207 28.41 32.52 -3.51
N TRP B 208 28.81 32.09 -2.31
CA TRP B 208 28.45 32.75 -1.03
CA TRP B 208 28.25 32.84 -1.14
C TRP B 208 28.80 34.26 -1.12
N GLU B 209 30.02 34.54 -1.57
CA GLU B 209 30.51 35.96 -1.73
C GLU B 209 29.58 36.69 -2.69
N GLN B 210 29.24 36.09 -3.84
CA GLN B 210 28.39 36.74 -4.85
C GLN B 210 26.98 36.94 -4.29
N ALA B 211 26.45 35.95 -3.56
CA ALA B 211 25.10 36.06 -2.95
C ALA B 211 25.08 37.21 -1.93
N LEU B 212 26.07 37.22 -1.03
CA LEU B 212 26.22 38.31 -0.02
C LEU B 212 26.24 39.66 -0.75
N LYS B 213 27.10 39.80 -1.75
CA LYS B 213 27.26 41.04 -2.56
C LYS B 213 25.91 41.42 -3.17
N GLY B 214 25.23 40.48 -3.83
CA GLY B 214 23.92 40.75 -4.46
C GLY B 214 22.89 41.21 -3.44
N LEU B 215 22.82 40.54 -2.29
CA LEU B 215 21.85 40.89 -1.20
C LEU B 215 22.16 42.31 -0.69
N LYS B 216 23.41 42.56 -0.36
CA LYS B 216 23.90 43.87 0.19
C LYS B 216 23.47 44.96 -0.80
N GLU B 217 23.76 44.78 -2.10
CA GLU B 217 23.47 45.79 -3.14
C GLU B 217 21.95 45.99 -3.28
N SER B 218 21.13 44.98 -3.03
CA SER B 218 19.65 45.08 -3.14
C SER B 218 19.13 46.00 -2.02
N LEU C 2 -32.64 -25.26 29.67
CA LEU C 2 -33.45 -25.03 30.89
C LEU C 2 -32.69 -24.12 31.84
N PRO C 3 -31.39 -24.33 32.16
CA PRO C 3 -30.68 -23.41 33.04
C PRO C 3 -30.67 -21.98 32.47
N ASP C 4 -30.72 -21.01 33.37
CA ASP C 4 -30.72 -19.57 33.00
C ASP C 4 -29.32 -19.20 32.53
N LEU C 5 -29.23 -18.12 31.77
CA LEU C 5 -27.95 -17.49 31.43
C LEU C 5 -27.12 -17.30 32.70
N LYS C 6 -25.84 -17.63 32.64
CA LYS C 6 -24.87 -17.48 33.75
C LYS C 6 -23.84 -16.44 33.36
N ILE C 7 -23.39 -15.63 34.30
CA ILE C 7 -22.28 -14.65 34.14
C ILE C 7 -21.30 -14.90 35.27
N GLU C 8 -20.03 -15.13 34.94
CA GLU C 8 -18.96 -15.50 35.91
C GLU C 8 -17.76 -14.58 35.67
N LYS C 9 -17.31 -13.90 36.72
CA LYS C 9 -16.10 -13.06 36.66
C LYS C 9 -14.89 -14.01 36.59
N LEU C 10 -13.97 -13.78 35.65
CA LEU C 10 -12.67 -14.51 35.58
C LEU C 10 -11.64 -13.70 36.33
N GLU C 11 -11.64 -12.40 36.08
CA GLU C 11 -10.76 -11.41 36.74
C GLU C 11 -11.28 -10.03 36.37
N GLU C 12 -10.59 -9.00 36.86
CA GLU C 12 -10.95 -7.58 36.61
C GLU C 12 -11.17 -7.44 35.10
N GLY C 13 -12.37 -7.03 34.72
CA GLY C 13 -12.69 -6.60 33.35
C GLY C 13 -12.98 -7.76 32.43
N VAL C 14 -12.99 -9.02 32.90
CA VAL C 14 -13.24 -10.18 32.01
C VAL C 14 -14.22 -11.14 32.67
N PHE C 15 -15.32 -11.39 31.96
CA PHE C 15 -16.43 -12.25 32.42
C PHE C 15 -16.70 -13.29 31.36
N VAL C 16 -17.14 -14.46 31.78
CA VAL C 16 -17.64 -15.53 30.87
C VAL C 16 -19.15 -15.50 30.96
N HIS C 17 -19.83 -15.48 29.82
CA HIS C 17 -21.30 -15.66 29.76
C HIS C 17 -21.57 -17.04 29.20
N THR C 18 -22.52 -17.74 29.81
CA THR C 18 -22.87 -19.11 29.40
C THR C 18 -24.38 -19.19 29.18
N SER C 19 -24.76 -19.68 28.01
CA SER C 19 -26.16 -19.88 27.64
C SER C 19 -26.35 -21.35 27.25
N PHE C 20 -27.58 -21.81 27.23
CA PHE C 20 -27.95 -23.24 27.25
C PHE C 20 -29.04 -23.47 26.23
N GLU C 21 -29.02 -24.64 25.64
CA GLU C 21 -29.99 -25.05 24.60
C GLU C 21 -30.21 -26.55 24.72
N GLU C 22 -31.44 -26.98 24.50
CA GLU C 22 -31.80 -28.41 24.53
C GLU C 22 -31.64 -28.91 23.09
N VAL C 23 -30.91 -29.99 22.89
CA VAL C 23 -30.83 -30.69 21.58
C VAL C 23 -31.44 -32.08 21.75
N ASN C 24 -32.51 -32.42 21.03
CA ASN C 24 -33.29 -33.68 21.22
C ASN C 24 -32.52 -34.84 20.54
N GLY C 25 -31.41 -35.25 21.14
CA GLY C 25 -30.36 -36.11 20.54
C GLY C 25 -29.07 -36.05 21.34
N TRP C 26 -28.82 -34.94 22.03
CA TRP C 26 -27.83 -34.88 23.14
C TRP C 26 -28.60 -34.47 24.40
N GLY C 27 -28.01 -33.74 25.33
CA GLY C 27 -28.79 -33.27 26.49
C GLY C 27 -29.02 -31.79 26.40
N VAL C 28 -28.52 -31.06 27.39
CA VAL C 28 -28.45 -29.59 27.25
C VAL C 28 -27.00 -29.25 26.93
N VAL C 29 -26.86 -28.41 25.91
CA VAL C 29 -25.56 -27.93 25.36
C VAL C 29 -25.28 -26.55 25.94
N THR C 30 -24.01 -26.30 26.23
CA THR C 30 -23.45 -25.13 26.90
C THR C 30 -22.76 -24.30 25.83
N LYS C 31 -22.98 -22.99 25.80
CA LYS C 31 -22.24 -22.05 24.89
C LYS C 31 -21.65 -20.93 25.73
N HIS C 32 -20.32 -20.81 25.74
CA HIS C 32 -19.57 -19.75 26.45
C HIS C 32 -19.17 -18.64 25.48
N GLY C 33 -19.27 -17.41 25.96
CA GLY C 33 -18.63 -16.23 25.38
C GLY C 33 -18.03 -15.38 26.45
N LEU C 34 -17.50 -14.20 26.09
CA LEU C 34 -16.93 -13.26 27.06
C LEU C 34 -17.68 -11.93 27.04
N VAL C 35 -17.53 -11.20 28.13
CA VAL C 35 -17.74 -9.74 28.16
C VAL C 35 -16.46 -9.13 28.70
N VAL C 36 -15.96 -8.15 27.98
CA VAL C 36 -14.67 -7.48 28.29
C VAL C 36 -14.99 -6.01 28.59
N LEU C 37 -14.50 -5.52 29.73
CA LEU C 37 -14.74 -4.14 30.18
C LEU C 37 -13.48 -3.33 29.88
N VAL C 38 -13.68 -2.15 29.32
CA VAL C 38 -12.61 -1.14 29.11
C VAL C 38 -13.12 0.15 29.75
N ASN C 39 -12.63 0.48 30.94
CA ASN C 39 -13.24 1.57 31.75
C ASN C 39 -14.73 1.21 31.97
N THR C 40 -15.66 2.06 31.52
CA THR C 40 -17.11 1.84 31.72
C THR C 40 -17.75 1.36 30.40
N ASP C 41 -16.95 0.96 29.43
CA ASP C 41 -17.40 0.36 28.14
C ASP C 41 -17.34 -1.15 28.29
N ALA C 42 -18.33 -1.84 27.73
CA ALA C 42 -18.39 -3.32 27.72
C ALA C 42 -18.45 -3.77 26.26
N TYR C 43 -17.75 -4.86 25.98
CA TYR C 43 -17.76 -5.52 24.64
C TYR C 43 -18.21 -6.96 24.82
N LEU C 44 -19.15 -7.41 24.00
CA LEU C 44 -19.64 -8.79 23.99
C LEU C 44 -18.77 -9.56 22.99
N ILE C 45 -18.19 -10.66 23.45
CA ILE C 45 -17.44 -11.60 22.59
C ILE C 45 -18.33 -12.81 22.39
N ASP C 46 -18.97 -12.87 21.22
CA ASP C 46 -20.09 -13.77 20.86
C ASP C 46 -21.37 -13.35 21.62
N THR C 47 -22.49 -13.55 20.96
CA THR C 47 -23.83 -13.40 21.57
C THR C 47 -24.27 -14.74 22.11
N PRO C 48 -25.12 -14.75 23.16
CA PRO C 48 -25.88 -15.94 23.54
C PRO C 48 -26.68 -16.46 22.36
N PHE C 49 -27.19 -17.69 22.47
CA PHE C 49 -27.99 -18.31 21.39
C PHE C 49 -29.19 -17.43 20.99
N THR C 50 -29.86 -16.80 21.95
CA THR C 50 -31.17 -16.12 21.75
C THR C 50 -31.08 -14.60 21.95
N ALA C 51 -31.98 -13.87 21.31
CA ALA C 51 -32.19 -12.42 21.55
C ALA C 51 -32.52 -12.19 23.02
N THR C 52 -33.39 -13.04 23.59
CA THR C 52 -33.81 -12.94 25.01
C THR C 52 -32.58 -12.94 25.92
N ASP C 53 -31.70 -13.92 25.76
CA ASP C 53 -30.48 -14.00 26.61
C ASP C 53 -29.49 -12.89 26.27
N THR C 54 -29.44 -12.43 25.02
CA THR C 54 -28.58 -11.27 24.65
C THR C 54 -29.04 -10.05 25.44
N GLU C 55 -30.36 -9.84 25.50
CA GLU C 55 -30.90 -8.69 26.28
C GLU C 55 -30.58 -8.86 27.77
N LYS C 56 -30.74 -10.07 28.33
CA LYS C 56 -30.44 -10.32 29.75
C LYS C 56 -28.98 -9.97 30.04
N LEU C 57 -28.09 -10.40 29.14
CA LEU C 57 -26.64 -10.17 29.29
C LEU C 57 -26.32 -8.69 29.25
N VAL C 58 -26.80 -7.99 28.23
CA VAL C 58 -26.65 -6.51 28.10
C VAL C 58 -27.18 -5.84 29.39
N ASN C 59 -28.38 -6.23 29.81
CA ASN C 59 -29.04 -5.59 31.01
C ASN C 59 -28.17 -5.76 32.25
N TRP C 60 -27.54 -6.92 32.44
CA TRP C 60 -26.69 -7.17 33.63
C TRP C 60 -25.57 -6.15 33.70
N PHE C 61 -24.94 -5.83 32.57
CA PHE C 61 -23.83 -4.86 32.52
C PHE C 61 -24.36 -3.43 32.59
N VAL C 62 -25.44 -3.12 31.88
CA VAL C 62 -26.03 -1.74 31.89
C VAL C 62 -26.46 -1.41 33.34
N GLU C 63 -27.05 -2.38 34.03
CA GLU C 63 -27.46 -2.29 35.46
C GLU C 63 -26.27 -1.90 36.33
N ARG C 64 -25.06 -2.38 36.01
CA ARG C 64 -23.83 -2.10 36.81
C ARG C 64 -23.07 -0.90 36.22
N GLY C 65 -23.71 -0.10 35.36
CA GLY C 65 -23.17 1.20 34.92
C GLY C 65 -22.27 1.12 33.69
N TYR C 66 -22.31 0.03 32.92
CA TYR C 66 -21.48 -0.10 31.70
C TYR C 66 -22.34 0.22 30.47
N GLU C 67 -21.74 0.87 29.46
CA GLU C 67 -22.32 1.02 28.10
C GLU C 67 -21.84 -0.14 27.23
N ILE C 68 -22.72 -0.80 26.49
CA ILE C 68 -22.29 -1.82 25.49
C ILE C 68 -21.81 -1.06 24.25
N LYS C 69 -20.49 -0.99 24.04
CA LYS C 69 -19.87 -0.24 22.93
C LYS C 69 -19.73 -1.10 21.68
N GLY C 70 -19.75 -2.42 21.78
CA GLY C 70 -19.56 -3.24 20.57
C GLY C 70 -19.67 -4.72 20.88
N THR C 71 -20.04 -5.49 19.86
CA THR C 71 -20.03 -6.97 19.91
C THR C 71 -19.22 -7.48 18.72
N ILE C 72 -18.53 -8.59 18.91
CA ILE C 72 -17.83 -9.32 17.82
C ILE C 72 -18.34 -10.75 17.85
N SER C 73 -18.69 -11.29 16.69
CA SER C 73 -19.11 -12.68 16.52
C SER C 73 -17.91 -13.46 15.92
N SER C 74 -17.57 -14.57 16.54
CA SER C 74 -16.32 -15.33 16.22
C SER C 74 -16.52 -16.15 14.94
N HIS C 75 -17.77 -16.43 14.55
CA HIS C 75 -18.08 -17.17 13.31
C HIS C 75 -19.55 -17.06 12.99
N PHE C 76 -19.95 -17.51 11.80
CA PHE C 76 -21.28 -17.19 11.23
C PHE C 76 -22.41 -18.01 11.89
N HIS C 77 -22.09 -19.14 12.52
CA HIS C 77 -23.12 -20.03 13.12
C HIS C 77 -23.94 -19.27 14.17
N SER C 78 -25.17 -19.73 14.36
CA SER C 78 -26.17 -18.99 15.16
C SER C 78 -25.76 -18.95 16.63
N ASP C 79 -24.87 -19.82 17.13
CA ASP C 79 -24.44 -19.73 18.55
C ASP C 79 -23.48 -18.59 18.80
N SER C 80 -22.94 -17.93 17.76
CA SER C 80 -22.10 -16.74 17.95
C SER C 80 -22.82 -15.46 17.54
N THR C 81 -23.87 -15.60 16.73
CA THR C 81 -24.50 -14.48 15.98
C THR C 81 -25.99 -14.31 16.33
N GLY C 82 -26.56 -15.20 17.14
CA GLY C 82 -28.03 -15.23 17.37
C GLY C 82 -28.58 -13.88 17.80
N GLY C 83 -27.81 -13.11 18.59
CA GLY C 83 -28.24 -11.82 19.15
C GLY C 83 -28.04 -10.62 18.22
N ILE C 84 -27.40 -10.77 17.05
CA ILE C 84 -27.05 -9.60 16.19
C ILE C 84 -28.30 -8.78 15.85
N GLU C 85 -29.34 -9.42 15.36
CA GLU C 85 -30.60 -8.73 14.93
C GLU C 85 -31.12 -7.84 16.08
N TRP C 86 -31.20 -8.37 17.30
CA TRP C 86 -31.67 -7.60 18.48
C TRP C 86 -30.67 -6.47 18.79
N LEU C 87 -29.37 -6.75 18.77
CA LEU C 87 -28.38 -5.68 19.06
C LEU C 87 -28.49 -4.56 18.01
N ASN C 88 -28.69 -4.90 16.74
CA ASN C 88 -28.82 -3.90 15.64
C ASN C 88 -30.05 -3.02 15.96
N SER C 89 -31.15 -3.63 16.39
CA SER C 89 -32.42 -2.93 16.76
C SER C 89 -32.20 -1.96 17.94
N GLN C 90 -31.21 -2.21 18.80
CA GLN C 90 -30.84 -1.38 19.97
C GLN C 90 -29.76 -0.35 19.64
N SER C 91 -29.29 -0.27 18.40
CA SER C 91 -28.17 0.63 18.02
C SER C 91 -26.88 0.28 18.76
N ILE C 92 -26.70 -0.98 19.19
CA ILE C 92 -25.41 -1.47 19.75
C ILE C 92 -24.56 -1.98 18.60
N PRO C 93 -23.38 -1.37 18.31
CA PRO C 93 -22.52 -1.75 17.19
C PRO C 93 -22.20 -3.25 17.19
N THR C 94 -22.57 -3.94 16.11
CA THR C 94 -22.24 -5.36 15.89
C THR C 94 -21.13 -5.44 14.82
N TYR C 95 -20.14 -6.29 15.07
CA TYR C 95 -18.96 -6.49 14.18
C TYR C 95 -18.86 -7.96 13.81
N ALA C 96 -18.48 -8.19 12.55
CA ALA C 96 -18.15 -9.52 11.99
C ALA C 96 -17.18 -9.31 10.85
N SER C 97 -16.37 -10.32 10.53
CA SER C 97 -15.50 -10.20 9.35
C SER C 97 -16.36 -10.08 8.11
N GLU C 98 -15.81 -9.55 7.04
CA GLU C 98 -16.51 -9.52 5.73
C GLU C 98 -16.93 -10.93 5.32
N LEU C 99 -16.03 -11.91 5.49
CA LEU C 99 -16.34 -13.32 5.13
C LEU C 99 -17.53 -13.81 5.96
N THR C 100 -17.51 -13.56 7.26
CA THR C 100 -18.61 -13.98 8.16
C THR C 100 -19.92 -13.33 7.69
N ASN C 101 -19.90 -12.06 7.33
CA ASN C 101 -21.14 -11.34 6.95
C ASN C 101 -21.64 -11.91 5.63
N GLU C 102 -20.76 -12.29 4.72
CA GLU C 102 -21.20 -12.92 3.43
C GLU C 102 -21.76 -14.33 3.69
N LEU C 103 -21.23 -15.08 4.66
CA LEU C 103 -21.74 -16.40 5.06
C LEU C 103 -23.11 -16.22 5.72
N LEU C 104 -23.27 -15.20 6.55
CA LEU C 104 -24.61 -14.85 7.12
C LEU C 104 -25.58 -14.56 5.96
N LYS C 105 -25.17 -13.72 5.01
CA LYS C 105 -26.04 -13.34 3.86
C LYS C 105 -26.44 -14.60 3.07
N LYS C 106 -25.50 -15.51 2.81
CA LYS C 106 -25.74 -16.75 2.02
C LYS C 106 -26.76 -17.64 2.74
N SER C 107 -26.80 -17.58 4.08
CA SER C 107 -27.66 -18.43 4.95
C SER C 107 -29.01 -17.75 5.20
N GLY C 108 -29.26 -16.57 4.63
CA GLY C 108 -30.50 -15.80 4.86
C GLY C 108 -30.54 -15.18 6.25
N LYS C 109 -29.39 -14.89 6.86
CA LYS C 109 -29.33 -14.38 8.26
C LYS C 109 -28.97 -12.90 8.27
N VAL C 110 -29.38 -12.21 9.33
CA VAL C 110 -29.06 -10.78 9.59
C VAL C 110 -27.54 -10.62 9.75
N GLN C 111 -26.98 -9.61 9.09
CA GLN C 111 -25.53 -9.31 9.13
C GLN C 111 -25.19 -8.38 10.30
N ALA C 112 -23.94 -8.42 10.75
CA ALA C 112 -23.34 -7.42 11.64
C ALA C 112 -23.31 -6.11 10.84
N LYS C 113 -23.45 -4.99 11.52
CA LYS C 113 -23.53 -3.64 10.89
C LYS C 113 -22.14 -3.22 10.42
N TYR C 114 -21.09 -3.60 11.14
CA TYR C 114 -19.71 -3.20 10.87
C TYR C 114 -18.91 -4.44 10.53
N SER C 115 -17.97 -4.31 9.60
CA SER C 115 -17.12 -5.47 9.22
C SER C 115 -15.68 -5.04 9.01
N PHE C 116 -14.80 -6.01 8.88
CA PHE C 116 -13.34 -5.80 8.74
C PHE C 116 -12.81 -7.01 8.00
N SER C 117 -11.62 -6.87 7.44
CA SER C 117 -11.00 -7.96 6.65
C SER C 117 -9.64 -8.30 7.24
N GLU C 118 -9.00 -7.45 8.05
CA GLU C 118 -7.59 -7.74 8.44
C GLU C 118 -7.50 -9.03 9.25
N VAL C 119 -6.44 -9.82 9.03
CA VAL C 119 -6.23 -11.11 9.73
C VAL C 119 -6.11 -10.84 11.24
N SER C 120 -5.40 -9.78 11.60
CA SER C 120 -5.33 -9.28 13.01
C SER C 120 -6.01 -7.92 13.05
N TYR C 121 -7.14 -7.84 13.73
CA TYR C 121 -7.96 -6.61 13.83
C TYR C 121 -8.09 -6.20 15.30
N TRP C 122 -7.65 -5.00 15.62
CA TRP C 122 -7.74 -4.51 17.02
C TRP C 122 -9.10 -3.84 17.20
N LEU C 123 -10.07 -4.60 17.69
CA LEU C 123 -11.41 -4.06 18.03
C LEU C 123 -11.24 -2.87 18.97
N VAL C 124 -10.40 -3.05 19.99
CA VAL C 124 -9.93 -1.95 20.87
C VAL C 124 -8.40 -2.01 20.91
N LYS C 125 -7.74 -0.95 20.47
CA LYS C 125 -6.26 -0.84 20.41
C LYS C 125 -5.66 -1.35 21.73
N ASN C 126 -4.71 -2.28 21.65
CA ASN C 126 -3.89 -2.76 22.79
C ASN C 126 -4.71 -3.56 23.81
N LYS C 127 -6.03 -3.80 23.59
CA LYS C 127 -6.89 -4.44 24.62
C LYS C 127 -7.68 -5.63 24.07
N ILE C 128 -8.22 -5.54 22.86
CA ILE C 128 -9.00 -6.68 22.27
C ILE C 128 -8.57 -6.88 20.82
N GLU C 129 -7.87 -7.99 20.57
CA GLU C 129 -7.43 -8.38 19.22
C GLU C 129 -8.35 -9.48 18.68
N VAL C 130 -8.81 -9.33 17.46
CA VAL C 130 -9.57 -10.38 16.74
C VAL C 130 -8.59 -10.97 15.70
N PHE C 131 -8.43 -12.27 15.73
CA PHE C 131 -7.38 -12.95 14.94
C PHE C 131 -7.98 -14.11 14.17
N TYR C 132 -7.64 -14.18 12.88
CA TYR C 132 -8.03 -15.30 12.01
C TYR C 132 -6.86 -16.28 11.91
N PRO C 133 -6.91 -17.48 12.52
CA PRO C 133 -5.78 -18.42 12.42
C PRO C 133 -5.79 -19.24 11.12
N GLY C 134 -6.90 -19.16 10.39
CA GLY C 134 -7.20 -19.98 9.22
C GLY C 134 -8.41 -20.86 9.49
N PRO C 135 -8.91 -21.54 8.44
CA PRO C 135 -10.11 -22.35 8.55
C PRO C 135 -9.94 -23.52 9.55
N GLY C 136 -11.05 -23.89 10.15
CA GLY C 136 -11.11 -25.11 11.00
C GLY C 136 -12.53 -25.59 11.14
N HIS C 137 -13.11 -25.26 12.28
CA HIS C 137 -14.53 -25.51 12.56
C HIS C 137 -15.36 -24.96 11.39
N THR C 138 -15.04 -23.74 10.95
CA THR C 138 -15.64 -23.08 9.77
C THR C 138 -14.51 -22.36 9.01
N GLN C 139 -14.85 -21.92 7.82
CA GLN C 139 -13.91 -21.20 6.93
C GLN C 139 -13.57 -19.85 7.58
N ASP C 140 -14.50 -19.28 8.36
CA ASP C 140 -14.37 -17.90 8.87
C ASP C 140 -13.92 -17.82 10.32
N ASN C 141 -13.72 -18.96 11.02
CA ASN C 141 -13.64 -18.89 12.50
C ASN C 141 -12.52 -17.96 12.98
N LEU C 142 -12.82 -17.14 13.98
CA LEU C 142 -11.90 -16.17 14.61
C LEU C 142 -11.70 -16.52 16.07
N VAL C 143 -10.60 -16.04 16.62
CA VAL C 143 -10.35 -16.03 18.08
C VAL C 143 -10.19 -14.60 18.54
N VAL C 144 -10.30 -14.40 19.84
CA VAL C 144 -10.16 -13.06 20.42
C VAL C 144 -9.16 -13.13 21.56
N TRP C 145 -8.18 -12.23 21.51
CA TRP C 145 -7.04 -12.22 22.45
C TRP C 145 -7.07 -10.96 23.28
N LEU C 146 -6.90 -11.12 24.59
CA LEU C 146 -6.86 -10.00 25.55
C LEU C 146 -5.43 -9.92 26.10
N PRO C 147 -4.56 -9.08 25.53
CA PRO C 147 -3.13 -9.12 25.89
C PRO C 147 -2.82 -8.80 27.37
N GLU C 148 -3.64 -7.97 28.02
CA GLU C 148 -3.43 -7.55 29.44
C GLU C 148 -3.60 -8.74 30.36
N SER C 149 -4.63 -9.56 30.14
CA SER C 149 -4.97 -10.73 30.98
C SER C 149 -4.35 -12.02 30.43
N LYS C 150 -3.83 -11.99 29.20
CA LYS C 150 -3.40 -13.18 28.43
C LYS C 150 -4.51 -14.22 28.42
N ILE C 151 -5.75 -13.79 28.18
CA ILE C 151 -6.91 -14.70 27.99
C ILE C 151 -7.18 -14.79 26.49
N LEU C 152 -7.32 -16.01 25.99
CA LEU C 152 -7.71 -16.30 24.59
C LEU C 152 -9.12 -16.90 24.60
N PHE C 153 -10.05 -16.26 23.88
CA PHE C 153 -11.35 -16.86 23.55
C PHE C 153 -11.20 -17.57 22.22
N GLY C 154 -11.29 -18.90 22.21
CA GLY C 154 -11.09 -19.74 21.03
C GLY C 154 -12.38 -20.05 20.31
N GLY C 155 -13.54 -19.70 20.88
CA GLY C 155 -14.82 -20.02 20.22
C GLY C 155 -14.94 -21.45 19.84
N CYS C 156 -15.51 -21.74 18.65
CA CYS C 156 -15.82 -23.13 18.26
C CYS C 156 -14.61 -23.75 17.54
N PHE C 157 -13.52 -22.98 17.37
CA PHE C 157 -12.23 -23.52 16.85
C PHE C 157 -11.60 -24.47 17.90
N ILE C 158 -11.64 -24.10 19.18
CA ILE C 158 -10.96 -24.88 20.26
C ILE C 158 -11.88 -26.05 20.62
N LYS C 159 -11.44 -27.28 20.34
CA LYS C 159 -12.24 -28.51 20.41
C LYS C 159 -11.36 -29.63 21.00
N PRO C 160 -11.06 -29.58 22.31
CA PRO C 160 -10.07 -30.49 22.89
C PRO C 160 -10.52 -31.95 22.99
N HIS C 161 -11.81 -32.23 22.88
CA HIS C 161 -12.38 -33.57 23.17
C HIS C 161 -13.41 -33.93 22.12
N GLY C 162 -13.08 -33.73 20.84
CA GLY C 162 -13.99 -34.01 19.72
C GLY C 162 -14.36 -32.70 19.01
N LEU C 163 -14.49 -32.77 17.70
CA LEU C 163 -14.49 -31.56 16.83
C LEU C 163 -15.91 -30.99 16.77
N GLY C 164 -16.94 -31.77 17.14
CA GLY C 164 -18.34 -31.34 17.03
C GLY C 164 -18.86 -31.33 15.62
N ASN C 165 -19.64 -30.32 15.25
CA ASN C 165 -20.35 -30.22 13.95
C ASN C 165 -19.34 -30.01 12.82
N LEU C 166 -19.23 -30.97 11.91
CA LEU C 166 -18.27 -30.94 10.78
C LEU C 166 -18.93 -30.37 9.53
N GLY C 167 -20.20 -29.96 9.59
CA GLY C 167 -21.00 -29.65 8.38
C GLY C 167 -20.32 -28.56 7.54
N ASP C 168 -19.73 -27.57 8.20
CA ASP C 168 -19.11 -26.41 7.51
C ASP C 168 -17.59 -26.40 7.74
N ALA C 169 -17.03 -27.50 8.16
CA ALA C 169 -15.63 -27.59 8.63
C ALA C 169 -14.68 -27.75 7.45
N ASN C 170 -13.41 -27.41 7.70
CA ASN C 170 -12.30 -27.59 6.74
C ASN C 170 -11.25 -28.47 7.43
N LEU C 171 -11.41 -29.79 7.33
CA LEU C 171 -10.56 -30.74 8.11
C LEU C 171 -9.13 -30.68 7.58
N GLU C 172 -8.96 -30.45 6.28
CA GLU C 172 -7.60 -30.33 5.65
C GLU C 172 -6.82 -29.19 6.31
N ALA C 173 -7.46 -28.03 6.55
CA ALA C 173 -6.77 -26.82 7.03
C ALA C 173 -6.66 -26.78 8.54
N TRP C 174 -7.56 -27.45 9.27
CA TRP C 174 -7.67 -27.27 10.72
C TRP C 174 -6.35 -27.52 11.43
N PRO C 175 -5.58 -28.59 11.12
CA PRO C 175 -4.31 -28.80 11.83
C PRO C 175 -3.34 -27.64 11.60
N LYS C 176 -3.26 -27.17 10.36
CA LYS C 176 -2.33 -26.06 10.04
C LYS C 176 -2.79 -24.80 10.78
N SER C 177 -4.10 -24.53 10.80
CA SER C 177 -4.62 -23.35 11.53
C SER C 177 -4.33 -23.49 13.03
N ALA C 178 -4.46 -24.71 13.58
CA ALA C 178 -4.19 -24.96 15.02
C ALA C 178 -2.71 -24.72 15.35
N LYS C 179 -1.78 -25.09 14.46
CA LYS C 179 -0.32 -24.83 14.67
C LYS C 179 -0.04 -23.33 14.66
N ILE C 180 -0.68 -22.60 13.74
CA ILE C 180 -0.54 -21.11 13.66
C ILE C 180 -1.00 -20.52 15.01
N LEU C 181 -2.12 -21.02 15.51
CA LEU C 181 -2.70 -20.48 16.77
C LEU C 181 -1.72 -20.77 17.94
N MET C 182 -1.20 -22.00 18.02
CA MET C 182 -0.29 -22.48 19.11
C MET C 182 0.96 -21.61 19.09
N SER C 183 1.51 -21.36 17.89
CA SER C 183 2.75 -20.58 17.69
C SER C 183 2.53 -19.14 18.12
N LYS C 184 1.37 -18.57 17.81
CA LYS C 184 1.10 -17.15 18.13
C LYS C 184 0.83 -16.97 19.64
N TYR C 185 0.07 -17.85 20.29
CA TYR C 185 -0.48 -17.58 21.66
C TYR C 185 -0.01 -18.59 22.72
N GLY C 186 1.19 -19.14 22.60
CA GLY C 186 1.79 -20.01 23.64
C GLY C 186 1.79 -19.35 25.03
N LYS C 187 1.85 -18.03 25.08
CA LYS C 187 1.86 -17.19 26.31
C LYS C 187 0.47 -17.13 26.99
N ALA C 188 -0.58 -17.66 26.37
CA ALA C 188 -1.96 -17.63 26.92
C ALA C 188 -1.93 -18.23 28.33
N LYS C 189 -2.55 -17.55 29.31
CA LYS C 189 -2.74 -18.09 30.69
C LYS C 189 -4.03 -18.93 30.73
N LEU C 190 -5.03 -18.56 29.92
CA LEU C 190 -6.37 -19.19 29.94
C LEU C 190 -6.91 -19.24 28.52
N VAL C 191 -7.49 -20.37 28.16
CA VAL C 191 -8.20 -20.55 26.86
C VAL C 191 -9.65 -20.86 27.18
N VAL C 192 -10.54 -19.94 26.81
CA VAL C 192 -12.01 -20.14 26.95
C VAL C 192 -12.53 -20.61 25.60
N SER C 193 -13.20 -21.75 25.56
CA SER C 193 -13.78 -22.32 24.34
C SER C 193 -15.30 -22.17 24.39
N SER C 194 -15.93 -22.36 23.24
CA SER C 194 -17.41 -22.23 23.12
C SER C 194 -18.09 -23.28 24.00
N HIS C 195 -17.58 -24.51 24.04
CA HIS C 195 -18.41 -25.68 24.42
C HIS C 195 -17.76 -26.55 25.50
N SER C 196 -16.52 -26.29 25.88
CA SER C 196 -15.81 -27.15 26.85
C SER C 196 -15.30 -26.28 27.99
N GLU C 197 -14.80 -26.89 29.07
CA GLU C 197 -14.36 -26.16 30.27
C GLU C 197 -13.12 -25.32 29.91
N LYS C 198 -12.97 -24.15 30.54
CA LYS C 198 -11.80 -23.28 30.41
C LYS C 198 -10.58 -24.10 30.87
N GLY C 199 -9.42 -23.77 30.32
CA GLY C 199 -8.15 -24.48 30.56
C GLY C 199 -6.98 -23.60 30.25
N ASP C 200 -5.77 -24.18 30.22
CA ASP C 200 -4.54 -23.39 29.94
C ASP C 200 -4.21 -23.54 28.44
N ALA C 201 -3.07 -23.02 28.02
CA ALA C 201 -2.63 -23.00 26.60
C ALA C 201 -2.62 -24.43 26.00
N SER C 202 -2.57 -25.48 26.82
CA SER C 202 -2.56 -26.88 26.32
C SER C 202 -3.82 -27.23 25.52
N LEU C 203 -4.93 -26.52 25.72
CA LEU C 203 -6.16 -26.78 24.93
C LEU C 203 -5.91 -26.56 23.42
N MET C 204 -4.97 -25.68 23.06
CA MET C 204 -4.56 -25.43 21.65
C MET C 204 -3.91 -26.69 21.09
N LYS C 205 -3.05 -27.34 21.88
CA LYS C 205 -2.42 -28.61 21.45
C LYS C 205 -3.47 -29.73 21.40
N ARG C 206 -4.37 -29.83 22.37
CA ARG C 206 -5.44 -30.86 22.30
C ARG C 206 -6.25 -30.65 21.01
N THR C 207 -6.56 -29.39 20.66
CA THR C 207 -7.33 -29.10 19.41
C THR C 207 -6.56 -29.63 18.18
N TRP C 208 -5.27 -29.30 18.10
CA TRP C 208 -4.38 -29.76 17.00
C TRP C 208 -4.46 -31.29 16.90
N GLU C 209 -4.33 -32.00 18.02
CA GLU C 209 -4.42 -33.49 18.04
C GLU C 209 -5.77 -33.96 17.52
N GLN C 210 -6.87 -33.31 17.97
CA GLN C 210 -8.24 -33.72 17.56
C GLN C 210 -8.43 -33.44 16.06
N ALA C 211 -7.91 -32.32 15.55
CA ALA C 211 -8.01 -31.99 14.12
C ALA C 211 -7.28 -33.04 13.26
N LEU C 212 -6.04 -33.39 13.64
CA LEU C 212 -5.26 -34.48 12.97
C LEU C 212 -6.11 -35.74 12.92
N LYS C 213 -6.64 -36.16 14.07
CA LYS C 213 -7.46 -37.40 14.21
C LYS C 213 -8.69 -37.32 13.30
N GLY C 214 -9.41 -36.20 13.34
CA GLY C 214 -10.59 -36.01 12.48
C GLY C 214 -10.26 -36.07 11.00
N LEU C 215 -9.17 -35.44 10.58
CA LEU C 215 -8.74 -35.45 9.15
C LEU C 215 -8.42 -36.89 8.72
N LYS C 216 -7.58 -37.58 9.51
CA LYS C 216 -7.20 -38.98 9.23
C LYS C 216 -8.46 -39.82 9.07
N GLU C 217 -9.41 -39.71 10.01
CA GLU C 217 -10.67 -40.52 10.00
C GLU C 217 -11.51 -40.20 8.76
N SER C 218 -11.47 -38.97 8.24
CA SER C 218 -12.30 -38.52 7.08
C SER C 218 -11.76 -39.16 5.80
N LYS C 219 -10.46 -39.46 5.78
CA LYS C 219 -9.79 -40.02 4.58
C LYS C 219 -10.07 -41.53 4.52
N LYS C 220 -10.65 -42.10 5.57
CA LYS C 220 -11.35 -43.43 5.59
C LYS C 220 -10.41 -44.49 6.20
C1 EDO D . 18.39 -4.58 7.76
O1 EDO D . 18.60 -3.98 6.49
C2 EDO D . 18.41 -6.06 7.69
O2 EDO D . 18.10 -6.68 8.92
H11 EDO D . 17.52 -4.30 8.10
H12 EDO D . 19.10 -4.28 8.37
HO1 EDO D . 18.58 -3.14 6.58
H21 EDO D . 19.32 -6.35 7.43
H22 EDO D . 17.76 -6.36 7.02
HO2 EDO D . 17.94 -6.08 9.50
C1 EDO E . -2.66 -11.00 3.72
O1 EDO E . -2.66 -10.67 5.09
C2 EDO E . -3.29 -12.31 3.55
O2 EDO E . -4.68 -12.17 3.39
H11 EDO E . -1.73 -11.04 3.41
H12 EDO E . -3.16 -10.31 3.23
HO1 EDO E . -2.29 -9.92 5.19
H21 EDO E . -3.12 -12.86 4.33
H22 EDO E . -2.93 -12.74 2.75
HO2 EDO E . -4.89 -11.35 3.43
C1 EDO F . -0.94 -4.25 13.10
O1 EDO F . -1.89 -3.25 13.36
C2 EDO F . -1.50 -5.61 13.28
O2 EDO F . -2.87 -5.68 12.94
H11 EDO F . -0.19 -4.14 13.72
H12 EDO F . -0.63 -4.17 12.18
HO1 EDO F . -1.54 -2.49 13.24
H21 EDO F . -1.41 -5.87 14.22
H22 EDO F . -1.01 -6.23 12.71
HO2 EDO F . -3.14 -4.92 12.68
C1 EDO G . -6.54 14.94 -13.31
O1 EDO G . -5.20 14.47 -13.48
C2 EDO G . -7.43 14.50 -14.42
O2 EDO G . -8.84 14.74 -14.20
H11 EDO G . -6.52 15.92 -13.29
H12 EDO G . -6.89 14.60 -12.46
HO1 EDO G . -4.72 14.74 -12.84
H21 EDO G . -7.33 13.53 -14.55
H22 EDO G . -7.19 14.98 -15.24
HO2 EDO G . -8.94 15.11 -13.44
C1 EDO H . 18.06 -7.93 12.29
O1 EDO H . 18.35 -8.28 10.94
C2 EDO H . 17.64 -9.09 13.11
O2 EDO H . 17.71 -10.32 12.43
H11 EDO H . 17.33 -7.27 12.29
H12 EDO H . 18.86 -7.54 12.69
HO1 EDO H . 18.58 -7.58 10.51
H21 EDO H . 16.70 -8.95 13.39
H22 EDO H . 18.21 -9.15 13.89
HO2 EDO H . 18.00 -10.19 11.63
CAC FLC I . -0.82 -10.52 0.28
CA FLC I . -1.30 -11.96 0.29
CB FLC I . -1.67 -12.54 -1.09
CBC FLC I . -0.67 -12.02 -2.14
CG FLC I . -1.57 -14.08 -1.05
CGC FLC I . -1.94 -14.78 -2.35
OA1 FLC I . 0.12 -10.20 1.11
OA2 FLC I . -1.37 -9.69 -0.52
OB1 FLC I . 0.54 -12.43 -1.99
OB2 FLC I . -1.07 -11.13 -3.03
OG1 FLC I . -1.20 -15.69 -2.77
OG2 FLC I . -2.95 -14.36 -2.96
OHB FLC I . -2.96 -12.07 -1.43
HA1 FLC I . -2.10 -12.02 0.84
HA2 FLC I . -0.60 -12.53 0.65
HG1 FLC I . -2.17 -14.42 -0.36
HG2 FLC I . -0.64 -14.32 -0.85
HOB FLC I . -3.47 -12.73 -1.56
ZN ZN J . -2.86 -9.99 -2.20
ZN ZN K . 0.27 -10.49 -4.08
C ACT L . 22.76 33.83 -16.86
O ACT L . 21.53 33.76 -16.87
OXT ACT L . 23.40 34.90 -16.85
CH3 ACT L . 23.54 32.53 -16.92
H1 ACT L . 24.50 32.72 -16.94
H2 ACT L . 23.31 32.03 -17.71
H3 ACT L . 23.34 32.00 -16.13
C ACT M . 20.60 31.90 -14.81
O ACT M . 20.88 30.80 -14.32
OXT ACT M . 20.63 32.97 -14.16
CH3 ACT M . 20.07 31.89 -16.27
H1 ACT M . 19.79 32.79 -16.53
H2 ACT M . 19.30 31.29 -16.33
H3 ACT M . 20.77 31.58 -16.87
ZN ZN N . 17.65 28.51 -13.85
ZN ZN O . 20.40 28.71 -15.56
C1 BME P . -10.50 -13.67 7.38
C2 BME P . -9.93 -12.31 7.49
O1 BME P . -11.89 -13.57 7.41
S2 BME P . -10.39 -11.66 9.13
H11 BME P . -10.20 -14.23 8.13
H12 BME P . -10.22 -14.09 6.54
H21 BME P . -10.32 -11.77 6.78
H22 BME P . -8.96 -12.38 7.41
HO1 BME P . -12.22 -14.34 7.34
HS2 BME P . -11.01 -12.61 9.52
CAC FLC Q . -24.70 -25.07 16.29
CA FLC Q . -23.73 -26.19 16.60
CB FLC Q . -22.29 -25.81 16.94
CBC FLC Q . -21.64 -25.17 15.72
CG FLC Q . -21.53 -27.10 17.27
CGC FLC Q . -20.03 -27.00 17.35
OA1 FLC Q . -24.57 -24.08 16.99
OA2 FLC Q . -25.57 -25.26 15.42
OB1 FLC Q . -21.61 -25.77 14.62
OB2 FLC Q . -21.12 -24.13 16.11
OG1 FLC Q . -19.43 -28.07 17.09
OG2 FLC Q . -19.45 -25.93 17.74
OHB FLC Q . -21.93 -24.81 17.93
HA1 FLC Q . -23.67 -26.79 15.83
HA2 FLC Q . -24.06 -26.68 17.39
HG1 FLC Q . -21.74 -27.76 16.57
HG2 FLC Q . -21.84 -27.42 18.14
HOB FLC Q . -21.39 -25.16 18.47
ZN ZN R . -20.56 -23.91 18.33
ZN ZN S . -20.16 -23.32 14.61
#